data_3KOC
#
_entry.id   3KOC
#
_cell.length_a   52.048
_cell.length_b   55.011
_cell.length_c   93.244
_cell.angle_alpha   107.070
_cell.angle_beta   101.840
_cell.angle_gamma   94.810
#
_symmetry.space_group_name_H-M   'P 1'
#
loop_
_entity.id
_entity.type
_entity.pdbx_description
1 polymer 'D-tyrosyl-tRNA(Tyr) deacylase'
2 non-polymer D-HISTIDINE
#
_entity_poly.entity_id   1
_entity_poly.type   'polypeptide(L)'
_entity_poly.pdbx_seq_one_letter_code
;MRVVIQRVKGAILSVRKENIGENEKELEIISEIKNGLICFLGIHKNDTWEDALYIIRKCLNLRLWNNDNKTWDKNVKDLN
YELLIVSQFTLFGNTKKGNKPDFHLAKEPNEALIFYNKIIDEFKKQYNDDKIKIGKFGNYMNIDVTNDGPVTIYIDTHDI
NLNK
;
_entity_poly.pdbx_strand_id   A,B,C,D,E,F
#
# COMPACT_ATOMS: atom_id res chain seq x y z
N MET A 1 -1.11 -1.96 11.81
CA MET A 1 -1.75 -2.63 10.62
C MET A 1 -2.23 -1.61 9.63
N ARG A 2 -1.90 -1.84 8.35
CA ARG A 2 -2.24 -0.90 7.29
C ARG A 2 -2.97 -1.64 6.21
N VAL A 3 -3.95 -0.96 5.60
CA VAL A 3 -4.66 -1.51 4.46
C VAL A 3 -4.96 -0.44 3.44
N VAL A 4 -4.73 -0.81 2.18
CA VAL A 4 -5.21 -0.06 1.02
C VAL A 4 -6.36 -0.88 0.46
N ILE A 5 -7.49 -0.20 0.28
CA ILE A 5 -8.71 -0.83 -0.20
C ILE A 5 -9.10 -0.10 -1.45
N GLN A 6 -9.10 -0.83 -2.56
CA GLN A 6 -9.51 -0.23 -3.81
C GLN A 6 -10.72 -0.97 -4.30
N ARG A 7 -11.75 -0.19 -4.65
CA ARG A 7 -13.01 -0.75 -5.04
C ARG A 7 -12.86 -1.28 -6.46
N VAL A 8 -13.41 -2.46 -6.73
CA VAL A 8 -13.22 -3.05 -8.07
C VAL A 8 -14.42 -3.80 -8.68
N LYS A 9 -14.45 -3.84 -10.00
CA LYS A 9 -15.40 -4.65 -10.74
C LYS A 9 -14.96 -6.11 -10.77
N GLY A 10 -13.66 -6.33 -10.69
CA GLY A 10 -13.10 -7.67 -10.67
C GLY A 10 -11.60 -7.60 -10.52
N ALA A 11 -11.02 -8.74 -10.16
CA ALA A 11 -9.58 -8.85 -9.99
C ALA A 11 -9.13 -10.30 -10.12
N ILE A 12 -8.02 -10.50 -10.79
CA ILE A 12 -7.57 -11.82 -11.16
C ILE A 12 -6.15 -11.94 -10.70
N LEU A 13 -5.89 -12.85 -9.77
CA LEU A 13 -4.53 -13.05 -9.22
C LEU A 13 -3.86 -14.25 -9.84
N SER A 14 -2.57 -14.12 -10.17
CA SER A 14 -1.76 -15.19 -10.78
C SER A 14 -0.32 -15.29 -10.24
N VAL A 15 0.17 -16.52 -10.10
CA VAL A 15 1.54 -16.81 -9.62
C VAL A 15 2.44 -17.40 -10.74
N ARG A 16 3.70 -17.69 -10.45
CA ARG A 16 4.65 -18.13 -11.50
C ARG A 16 4.92 -19.65 -11.63
N GLU A 24 8.83 -24.67 -15.57
CA GLU A 24 9.12 -23.32 -15.05
C GLU A 24 8.99 -22.16 -16.09
N LYS A 25 8.18 -21.13 -15.76
CA LYS A 25 7.99 -19.85 -16.53
C LYS A 25 6.54 -19.50 -16.97
N GLU A 26 6.18 -18.22 -16.77
CA GLU A 26 4.82 -17.64 -16.95
C GLU A 26 3.69 -18.12 -15.97
N LEU A 27 2.50 -17.55 -16.11
CA LEU A 27 1.60 -17.34 -14.96
C LEU A 27 0.37 -18.23 -14.82
N GLU A 28 -0.08 -18.47 -13.60
CA GLU A 28 -1.39 -19.13 -13.42
C GLU A 28 -2.37 -18.49 -12.41
N ILE A 29 -3.58 -18.23 -12.91
CA ILE A 29 -4.68 -17.67 -12.12
C ILE A 29 -5.08 -18.63 -11.03
N ILE A 30 -4.94 -18.20 -9.78
CA ILE A 30 -5.34 -19.05 -8.68
C ILE A 30 -6.48 -18.44 -7.88
N SER A 31 -6.74 -17.15 -8.12
CA SER A 31 -7.74 -16.36 -7.39
C SER A 31 -8.50 -15.42 -8.30
N GLU A 32 -9.80 -15.35 -8.10
CA GLU A 32 -10.57 -14.46 -8.93
C GLU A 32 -11.74 -13.95 -8.13
N ILE A 33 -11.98 -12.64 -8.21
CA ILE A 33 -13.22 -12.04 -7.70
C ILE A 33 -13.85 -11.16 -8.77
N LYS A 34 -15.15 -10.97 -8.68
CA LYS A 34 -15.84 -10.00 -9.54
C LYS A 34 -16.06 -8.71 -8.73
N ASN A 35 -17.22 -8.10 -8.83
CA ASN A 35 -17.51 -6.92 -8.03
C ASN A 35 -17.12 -7.11 -6.55
N GLY A 36 -16.25 -6.23 -6.06
CA GLY A 36 -15.88 -6.24 -4.65
C GLY A 36 -14.73 -5.32 -4.32
N LEU A 37 -13.94 -5.71 -3.33
CA LEU A 37 -12.77 -4.95 -2.90
C LEU A 37 -11.50 -5.77 -2.98
N ILE A 38 -10.42 -5.09 -3.33
CA ILE A 38 -9.09 -5.67 -3.15
C ILE A 38 -8.44 -4.95 -1.99
N CYS A 39 -7.83 -5.73 -1.11
CA CYS A 39 -7.32 -5.18 0.13
C CYS A 39 -5.86 -5.58 0.27
N PHE A 40 -5.00 -4.59 0.09
CA PHE A 40 -3.57 -4.76 0.30
C PHE A 40 -3.29 -4.52 1.76
N LEU A 41 -2.95 -5.60 2.46
CA LEU A 41 -2.88 -5.62 3.91
C LEU A 41 -1.46 -5.77 4.39
N GLY A 42 -0.92 -4.72 4.99
CA GLY A 42 0.40 -4.78 5.60
C GLY A 42 0.28 -4.90 7.11
N ILE A 43 1.10 -5.79 7.68
CA ILE A 43 1.08 -6.13 9.11
C ILE A 43 2.33 -5.63 9.86
N HIS A 44 2.16 -4.67 10.76
CA HIS A 44 3.25 -4.12 11.59
C HIS A 44 3.79 -5.17 12.56
N LYS A 45 5.04 -4.98 12.98
CA LYS A 45 5.77 -5.94 13.81
C LYS A 45 5.12 -6.10 15.19
N ASN A 46 4.59 -4.98 15.72
CA ASN A 46 3.84 -4.94 16.98
C ASN A 46 2.32 -4.82 16.74
N ASP A 47 1.74 -5.73 15.97
CA ASP A 47 0.30 -5.71 15.75
C ASP A 47 -0.35 -6.71 16.70
N THR A 48 -1.34 -6.23 17.44
CA THR A 48 -2.15 -7.04 18.37
C THR A 48 -3.38 -7.45 17.60
N TRP A 49 -4.08 -8.47 18.07
CA TRP A 49 -5.27 -8.97 17.38
C TRP A 49 -6.34 -7.92 17.16
N GLU A 50 -6.39 -6.93 18.05
CA GLU A 50 -7.35 -5.82 17.95
C GLU A 50 -7.08 -4.93 16.73
N ASP A 51 -5.80 -4.85 16.32
CA ASP A 51 -5.45 -4.18 15.05
C ASP A 51 -6.02 -4.93 13.86
N ALA A 52 -6.03 -6.26 13.94
CA ALA A 52 -6.59 -7.06 12.87
C ALA A 52 -8.10 -6.93 12.81
N LEU A 53 -8.73 -6.73 13.96
CA LEU A 53 -10.18 -6.74 14.01
C LEU A 53 -10.71 -5.48 13.34
N TYR A 54 -10.11 -4.36 13.66
CA TYR A 54 -10.46 -3.10 13.06
C TYR A 54 -10.34 -3.16 11.54
N ILE A 55 -9.26 -3.79 11.04
CA ILE A 55 -9.05 -3.95 9.59
C ILE A 55 -10.18 -4.75 8.98
N ILE A 56 -10.48 -5.92 9.55
CA ILE A 56 -11.51 -6.79 8.99
C ILE A 56 -12.87 -6.06 8.99
N ARG A 57 -13.24 -5.52 10.15
CA ARG A 57 -14.45 -4.73 10.31
C ARG A 57 -14.61 -3.67 9.23
N LYS A 58 -13.62 -2.80 9.06
CA LYS A 58 -13.77 -1.68 8.13
C LYS A 58 -13.85 -2.13 6.68
N CYS A 59 -12.95 -3.04 6.30
CA CYS A 59 -13.04 -3.69 5.02
C CYS A 59 -14.46 -4.22 4.80
N LEU A 60 -15.01 -4.91 5.80
CA LEU A 60 -16.33 -5.54 5.67
C LEU A 60 -17.50 -4.58 5.85
N ASN A 61 -17.25 -3.41 6.42
CA ASN A 61 -18.36 -2.55 6.79
C ASN A 61 -18.46 -1.17 6.14
N LEU A 62 -17.33 -0.62 5.71
CA LEU A 62 -17.32 0.69 5.01
C LEU A 62 -18.23 0.74 3.78
N ARG A 63 -19.02 1.81 3.74
CA ARG A 63 -20.04 1.96 2.71
C ARG A 63 -19.48 2.63 1.47
N LEU A 64 -18.82 1.86 0.61
CA LEU A 64 -18.05 2.48 -0.48
C LEU A 64 -18.76 2.39 -1.81
N TRP A 65 -20.06 2.17 -1.73
CA TRP A 65 -20.87 2.01 -2.92
C TRP A 65 -22.10 2.89 -2.88
N ASN A 66 -22.31 3.59 -3.99
CA ASN A 66 -23.49 4.41 -4.16
C ASN A 66 -24.69 3.51 -4.22
N ASN A 67 -25.85 4.03 -3.86
CA ASN A 67 -27.06 3.25 -3.93
C ASN A 67 -28.23 4.06 -4.43
N ASP A 68 -28.46 3.90 -5.73
CA ASP A 68 -29.60 4.49 -6.43
C ASP A 68 -30.10 5.76 -5.74
N ASN A 69 -29.50 6.89 -6.09
CA ASN A 69 -29.95 8.16 -5.55
C ASN A 69 -29.08 8.60 -4.36
N LYS A 70 -28.48 7.63 -3.67
CA LYS A 70 -27.70 7.87 -2.44
C LYS A 70 -26.24 7.44 -2.63
N THR A 71 -25.31 8.18 -2.03
CA THR A 71 -23.88 7.89 -2.24
C THR A 71 -23.30 7.34 -0.95
N TRP A 72 -22.17 6.62 -1.04
CA TRP A 72 -21.51 6.07 0.15
C TRP A 72 -22.52 5.48 1.13
N ASP A 73 -23.14 4.38 0.72
CA ASP A 73 -24.35 3.91 1.37
C ASP A 73 -24.40 2.41 1.60
N LYS A 74 -23.93 1.63 0.63
CA LYS A 74 -23.91 0.18 0.74
C LYS A 74 -22.48 -0.36 0.92
N ASN A 75 -22.32 -1.37 1.77
CA ASN A 75 -21.00 -1.97 1.99
C ASN A 75 -20.83 -3.23 1.17
N VAL A 76 -19.73 -3.94 1.35
CA VAL A 76 -19.44 -5.15 0.58
C VAL A 76 -20.53 -6.20 0.69
N LYS A 77 -20.93 -6.49 1.92
CA LYS A 77 -21.82 -7.62 2.19
C LYS A 77 -23.22 -7.34 1.67
N ASP A 78 -23.68 -6.10 1.83
CA ASP A 78 -25.01 -5.73 1.35
C ASP A 78 -25.16 -6.09 -0.11
N LEU A 79 -24.13 -5.80 -0.89
CA LEU A 79 -24.24 -5.97 -2.32
C LEU A 79 -23.90 -7.39 -2.69
N ASN A 80 -23.66 -8.21 -1.66
CA ASN A 80 -23.32 -9.62 -1.84
C ASN A 80 -21.97 -9.82 -2.54
N TYR A 81 -21.02 -8.93 -2.27
CA TYR A 81 -19.77 -8.88 -3.03
C TYR A 81 -18.62 -9.62 -2.41
N GLU A 82 -17.46 -9.56 -3.05
CA GLU A 82 -16.30 -10.36 -2.65
C GLU A 82 -15.12 -9.50 -2.18
N LEU A 83 -14.16 -10.17 -1.56
CA LEU A 83 -12.88 -9.54 -1.21
C LEU A 83 -11.66 -10.40 -1.65
N LEU A 84 -10.59 -9.72 -2.06
CA LEU A 84 -9.33 -10.39 -2.37
C LEU A 84 -8.23 -9.82 -1.46
N ILE A 85 -7.83 -10.63 -0.50
CA ILE A 85 -6.97 -10.13 0.54
C ILE A 85 -5.53 -10.52 0.27
N VAL A 86 -4.73 -9.51 -0.09
CA VAL A 86 -3.34 -9.70 -0.47
C VAL A 86 -2.46 -9.04 0.56
N SER A 87 -1.56 -9.84 1.15
CA SER A 87 -0.57 -9.31 2.08
C SER A 87 0.40 -8.39 1.36
N GLN A 88 0.60 -7.19 1.88
CA GLN A 88 1.57 -6.27 1.27
C GLN A 88 2.48 -5.65 2.30
N PHE A 89 3.68 -6.21 2.49
CA PHE A 89 4.60 -5.72 3.53
C PHE A 89 5.18 -4.38 3.10
N THR A 90 5.19 -4.16 1.80
CA THR A 90 5.75 -2.95 1.19
C THR A 90 5.04 -1.70 1.73
N LEU A 91 3.91 -1.91 2.38
CA LEU A 91 3.13 -0.79 2.96
C LEU A 91 3.87 -0.11 4.10
N PHE A 92 4.72 -0.90 4.77
CA PHE A 92 5.66 -0.40 5.76
C PHE A 92 7.03 -0.10 5.15
N GLY A 93 7.07 0.01 3.83
CA GLY A 93 8.24 0.58 3.18
C GLY A 93 8.43 1.99 3.74
N ASN A 94 9.60 2.21 4.36
CA ASN A 94 9.93 3.53 4.89
C ASN A 94 10.68 4.44 3.91
N THR A 95 9.96 5.41 3.33
CA THR A 95 10.53 6.28 2.31
C THR A 95 10.88 7.68 2.85
N LYS A 96 11.06 7.74 4.17
CA LYS A 96 11.56 8.95 4.83
C LYS A 96 13.07 9.02 4.64
N LYS A 97 13.73 7.90 4.87
CA LYS A 97 15.19 7.79 4.86
C LYS A 97 15.76 8.27 3.53
N GLY A 98 15.73 7.43 2.49
CA GLY A 98 16.28 7.77 1.17
C GLY A 98 15.38 7.41 0.00
N ASN A 99 15.99 7.01 -1.11
CA ASN A 99 15.24 6.57 -2.30
C ASN A 99 15.02 5.07 -2.32
N LYS A 100 15.80 4.35 -1.52
CA LYS A 100 15.61 2.93 -1.39
C LYS A 100 14.81 2.69 -0.11
N PRO A 101 13.65 2.01 -0.22
CA PRO A 101 12.79 1.82 0.93
C PRO A 101 13.24 0.68 1.83
N ASP A 102 13.24 0.91 3.14
CA ASP A 102 13.49 -0.16 4.12
C ASP A 102 12.22 -0.46 4.90
N PHE A 103 11.91 -1.74 5.00
CA PHE A 103 10.62 -2.20 5.49
C PHE A 103 10.75 -2.65 6.93
N HIS A 104 11.78 -2.16 7.62
CA HIS A 104 12.13 -2.72 8.92
C HIS A 104 10.95 -2.82 9.90
N LEU A 105 9.98 -1.94 9.71
CA LEU A 105 8.82 -1.87 10.59
C LEU A 105 7.79 -2.99 10.36
N ALA A 106 7.91 -3.73 9.26
CA ALA A 106 6.98 -4.82 8.94
C ALA A 106 7.24 -6.02 9.82
N LYS A 107 6.25 -6.90 9.92
CA LYS A 107 6.32 -8.09 10.78
C LYS A 107 7.11 -9.21 10.11
N GLU A 108 8.04 -9.80 10.85
CA GLU A 108 8.91 -10.88 10.37
C GLU A 108 8.10 -12.00 9.69
N PRO A 109 8.40 -12.29 8.41
CA PRO A 109 7.51 -13.05 7.50
C PRO A 109 7.00 -14.39 8.02
N ASN A 110 7.68 -14.99 8.99
CA ASN A 110 7.20 -16.27 9.51
C ASN A 110 5.99 -16.15 10.43
N GLU A 111 5.97 -15.10 11.25
CA GLU A 111 4.85 -14.84 12.13
C GLU A 111 3.79 -14.00 11.45
N ALA A 112 4.24 -13.12 10.57
CA ALA A 112 3.37 -12.43 9.63
C ALA A 112 2.42 -13.41 8.92
N LEU A 113 2.95 -14.54 8.48
CA LEU A 113 2.15 -15.56 7.80
C LEU A 113 1.13 -16.20 8.74
N ILE A 114 1.55 -16.48 9.98
CA ILE A 114 0.66 -17.00 11.04
C ILE A 114 -0.51 -16.03 11.22
N PHE A 115 -0.19 -14.76 11.45
CA PHE A 115 -1.18 -13.71 11.70
C PHE A 115 -2.15 -13.57 10.53
N TYR A 116 -1.61 -13.58 9.32
CA TYR A 116 -2.38 -13.38 8.09
C TYR A 116 -3.48 -14.41 7.89
N ASN A 117 -3.21 -15.66 8.27
CA ASN A 117 -4.19 -16.71 8.13
C ASN A 117 -5.26 -16.63 9.21
N LYS A 118 -4.84 -16.36 10.44
CA LYS A 118 -5.80 -16.03 11.48
C LYS A 118 -6.79 -14.96 11.00
N ILE A 119 -6.26 -13.93 10.34
CA ILE A 119 -7.04 -12.86 9.74
C ILE A 119 -7.97 -13.37 8.64
N ILE A 120 -7.45 -14.19 7.74
CA ILE A 120 -8.28 -14.68 6.64
C ILE A 120 -9.43 -15.52 7.17
N ASP A 121 -9.21 -16.22 8.28
CA ASP A 121 -10.28 -16.95 8.94
C ASP A 121 -11.34 -16.01 9.45
N GLU A 122 -10.91 -15.07 10.28
CA GLU A 122 -11.78 -14.05 10.83
C GLU A 122 -12.58 -13.33 9.74
N PHE A 123 -11.94 -13.05 8.61
CA PHE A 123 -12.63 -12.56 7.42
C PHE A 123 -13.79 -13.47 7.01
N LYS A 124 -13.50 -14.76 6.88
CA LYS A 124 -14.51 -15.74 6.46
C LYS A 124 -15.62 -15.84 7.52
N LYS A 125 -15.19 -16.03 8.76
CA LYS A 125 -16.10 -16.02 9.91
C LYS A 125 -17.05 -14.81 9.90
N GLN A 126 -16.52 -13.59 9.83
CA GLN A 126 -17.32 -12.37 9.97
C GLN A 126 -18.15 -11.98 8.76
N TYR A 127 -18.06 -12.78 7.70
CA TYR A 127 -18.91 -12.57 6.54
C TYR A 127 -19.39 -13.94 6.04
N ASN A 128 -19.35 -14.11 4.73
CA ASN A 128 -19.52 -15.40 4.12
C ASN A 128 -18.13 -15.98 3.88
N ASP A 129 -17.98 -17.25 4.17
CA ASP A 129 -16.67 -17.84 4.13
C ASP A 129 -16.26 -18.19 2.69
N ASP A 130 -17.27 -18.25 1.83
CA ASP A 130 -17.08 -18.63 0.45
C ASP A 130 -16.99 -17.33 -0.39
N LYS A 131 -16.95 -16.18 0.28
CA LYS A 131 -16.86 -14.87 -0.39
C LYS A 131 -15.49 -14.18 -0.25
N ILE A 132 -14.53 -14.84 0.40
CA ILE A 132 -13.21 -14.25 0.62
C ILE A 132 -12.16 -15.02 -0.14
N LYS A 133 -11.47 -14.35 -1.06
CA LYS A 133 -10.33 -14.95 -1.77
C LYS A 133 -9.04 -14.26 -1.36
N ILE A 134 -7.92 -14.95 -1.63
CA ILE A 134 -6.60 -14.54 -1.14
C ILE A 134 -5.54 -14.73 -2.23
N GLY A 135 -4.27 -14.64 -1.85
CA GLY A 135 -3.14 -14.91 -2.75
C GLY A 135 -2.05 -15.67 -2.02
N LYS A 136 -0.96 -16.01 -2.71
CA LYS A 136 0.12 -16.79 -2.09
C LYS A 136 0.97 -15.86 -1.24
N PHE A 137 0.93 -16.06 0.07
CA PHE A 137 1.59 -15.16 1.02
C PHE A 137 3.03 -14.91 0.64
N GLY A 138 3.80 -15.96 0.55
CA GLY A 138 5.21 -15.76 0.28
C GLY A 138 5.40 -15.04 -1.03
N ASN A 139 4.63 -15.44 -2.03
CA ASN A 139 5.10 -15.40 -3.40
C ASN A 139 4.91 -14.14 -4.25
N TYR A 140 5.60 -14.14 -5.39
CA TYR A 140 5.44 -13.10 -6.38
C TYR A 140 4.11 -13.32 -7.11
N MET A 141 3.36 -12.24 -7.29
CA MET A 141 2.01 -12.28 -7.85
C MET A 141 1.80 -11.23 -8.91
N ASN A 142 0.81 -11.52 -9.76
CA ASN A 142 0.38 -10.64 -10.84
C ASN A 142 -1.09 -10.45 -10.66
N ILE A 143 -1.53 -9.22 -10.43
CA ILE A 143 -2.95 -8.99 -10.21
C ILE A 143 -3.53 -7.99 -11.20
N ASP A 144 -4.42 -8.46 -12.06
CA ASP A 144 -5.14 -7.58 -12.97
C ASP A 144 -6.39 -7.06 -12.26
N VAL A 145 -6.53 -5.73 -12.22
CA VAL A 145 -7.54 -5.07 -11.39
C VAL A 145 -8.35 -4.04 -12.17
N THR A 146 -9.66 -4.29 -12.25
CA THR A 146 -10.57 -3.32 -12.81
C THR A 146 -11.02 -2.45 -11.66
N ASN A 147 -10.33 -1.32 -11.52
CA ASN A 147 -10.61 -0.32 -10.51
C ASN A 147 -11.88 0.42 -10.86
N ASP A 148 -12.81 0.48 -9.90
CA ASP A 148 -14.16 0.98 -10.14
C ASP A 148 -14.36 2.38 -9.54
N GLY A 149 -13.83 3.39 -10.23
CA GLY A 149 -13.98 4.79 -9.80
C GLY A 149 -12.90 5.70 -10.35
N PRO A 150 -11.65 5.48 -9.93
CA PRO A 150 -11.28 4.49 -8.92
C PRO A 150 -11.68 4.99 -7.54
N VAL A 151 -11.68 4.08 -6.57
CA VAL A 151 -12.01 4.40 -5.19
C VAL A 151 -10.94 3.75 -4.35
N THR A 152 -10.12 4.59 -3.75
CA THR A 152 -9.02 4.12 -2.92
C THR A 152 -9.24 4.63 -1.50
N ILE A 153 -8.99 3.76 -0.53
CA ILE A 153 -9.22 4.08 0.86
C ILE A 153 -8.02 3.59 1.63
N TYR A 154 -7.43 4.46 2.44
CA TYR A 154 -6.32 4.12 3.34
C TYR A 154 -6.69 4.13 4.83
N ILE A 155 -6.13 3.15 5.54
CA ILE A 155 -6.35 2.98 6.98
C ILE A 155 -5.06 2.50 7.65
N ASP A 156 -4.63 3.19 8.70
CA ASP A 156 -3.56 2.69 9.56
C ASP A 156 -4.10 2.57 10.96
N THR A 157 -4.19 1.35 11.50
CA THR A 157 -4.74 1.15 12.82
C THR A 157 -3.96 1.88 13.90
N HIS A 158 -2.66 2.13 13.64
CA HIS A 158 -1.82 2.80 14.64
C HIS A 158 -2.15 4.30 14.83
N ASP A 159 -3.08 4.81 14.03
CA ASP A 159 -3.71 6.11 14.23
C ASP A 159 -4.90 6.04 15.18
N ILE A 160 -5.30 4.83 15.59
CA ILE A 160 -6.65 4.64 16.13
C ILE A 160 -6.77 3.49 17.15
N MET B 1 -0.03 16.22 0.84
CA MET B 1 -0.61 15.19 -0.06
C MET B 1 -0.39 13.77 0.43
N ARG B 2 -1.31 12.90 0.08
CA ARG B 2 -1.14 11.48 0.26
C ARG B 2 -0.98 10.89 -1.12
N VAL B 3 -0.28 9.76 -1.21
CA VAL B 3 -0.16 9.06 -2.49
C VAL B 3 -0.07 7.58 -2.29
N VAL B 4 -0.79 6.84 -3.11
CA VAL B 4 -0.61 5.40 -3.24
C VAL B 4 0.04 5.06 -4.59
N ILE B 5 1.20 4.39 -4.54
CA ILE B 5 1.99 4.05 -5.69
C ILE B 5 1.98 2.55 -5.91
N GLN B 6 1.59 2.12 -7.09
CA GLN B 6 1.67 0.71 -7.38
C GLN B 6 2.48 0.48 -8.61
N ARG B 7 3.26 -0.59 -8.57
CA ARG B 7 4.10 -0.96 -9.68
C ARG B 7 3.24 -1.80 -10.61
N VAL B 8 3.30 -1.50 -11.91
CA VAL B 8 2.43 -2.14 -12.87
C VAL B 8 3.15 -2.50 -14.16
N LYS B 9 2.72 -3.59 -14.79
CA LYS B 9 3.20 -3.97 -16.13
C LYS B 9 2.44 -3.20 -17.22
N GLY B 10 1.57 -2.31 -16.77
CA GLY B 10 0.71 -1.63 -17.69
C GLY B 10 -0.59 -1.32 -16.99
N ALA B 11 -1.24 -0.31 -17.53
CA ALA B 11 -2.54 0.12 -17.05
C ALA B 11 -3.30 0.74 -18.22
N ILE B 12 -4.59 0.45 -18.29
CA ILE B 12 -5.44 1.07 -19.29
C ILE B 12 -6.54 1.85 -18.56
N LEU B 13 -6.70 3.11 -18.94
CA LEU B 13 -7.69 3.99 -18.29
C LEU B 13 -8.79 4.41 -19.25
N SER B 14 -9.99 3.93 -18.94
CA SER B 14 -11.20 4.19 -19.74
C SER B 14 -12.18 5.11 -19.01
N VAL B 15 -13.01 5.82 -19.79
CA VAL B 15 -14.15 6.61 -19.24
C VAL B 15 -15.49 6.14 -19.83
N ARG B 16 -16.61 6.75 -19.38
CA ARG B 16 -17.94 6.52 -20.01
C ARG B 16 -18.09 7.33 -21.32
N LEU B 27 -17.67 2.85 -22.35
CA LEU B 27 -16.25 2.99 -21.98
C LEU B 27 -15.39 3.35 -23.17
N GLU B 28 -14.69 4.46 -23.05
CA GLU B 28 -13.80 4.97 -24.08
C GLU B 28 -12.40 4.92 -23.46
N ILE B 29 -11.47 4.19 -24.06
CA ILE B 29 -10.09 4.23 -23.58
C ILE B 29 -9.57 5.63 -23.79
N ILE B 30 -8.73 6.10 -22.88
CA ILE B 30 -8.19 7.44 -23.01
C ILE B 30 -6.73 7.56 -22.53
N SER B 31 -6.18 6.44 -22.02
CA SER B 31 -4.82 6.40 -21.46
C SER B 31 -4.25 4.99 -21.32
N GLU B 32 -2.98 4.86 -21.66
CA GLU B 32 -2.32 3.59 -21.49
C GLU B 32 -0.92 3.82 -20.99
N ILE B 33 -0.43 2.90 -20.16
CA ILE B 33 1.00 2.79 -19.88
C ILE B 33 1.43 1.34 -19.96
N LYS B 34 2.67 1.11 -20.41
CA LYS B 34 3.27 -0.21 -20.28
C LYS B 34 3.83 -0.37 -18.86
N ASN B 35 5.08 -0.81 -18.68
CA ASN B 35 5.63 -0.90 -17.31
C ASN B 35 5.72 0.46 -16.64
N GLY B 36 5.62 0.47 -15.31
CA GLY B 36 5.77 1.70 -14.57
C GLY B 36 4.92 1.80 -13.34
N LEU B 37 4.37 2.98 -13.13
CA LEU B 37 3.75 3.30 -11.85
C LEU B 37 2.39 3.95 -12.02
N ILE B 38 1.38 3.38 -11.37
CA ILE B 38 0.14 4.10 -11.19
C ILE B 38 0.18 4.82 -9.84
N CYS B 39 -0.21 6.08 -9.83
CA CYS B 39 -0.19 6.90 -8.62
C CYS B 39 -1.53 7.56 -8.35
N PHE B 40 -2.14 7.14 -7.26
CA PHE B 40 -3.35 7.75 -6.80
C PHE B 40 -2.99 8.89 -5.85
N LEU B 41 -3.16 10.10 -6.34
CA LEU B 41 -2.69 11.27 -5.60
C LEU B 41 -3.84 12.04 -4.96
N GLY B 42 -3.94 12.00 -3.64
CA GLY B 42 -4.89 12.84 -2.92
C GLY B 42 -4.31 14.20 -2.55
N ILE B 43 -5.07 15.26 -2.78
CA ILE B 43 -4.63 16.63 -2.44
C ILE B 43 -5.36 17.14 -1.20
N HIS B 44 -4.61 17.44 -0.15
CA HIS B 44 -5.18 17.93 1.12
C HIS B 44 -5.52 19.43 1.05
N LYS B 45 -6.45 19.87 1.88
CA LYS B 45 -6.93 21.26 1.88
C LYS B 45 -5.83 22.33 2.12
N ASN B 46 -4.77 21.94 2.84
CA ASN B 46 -3.69 22.84 3.21
C ASN B 46 -2.36 22.44 2.59
N ASP B 47 -2.38 21.91 1.37
CA ASP B 47 -1.14 21.46 0.77
C ASP B 47 -0.41 22.66 0.22
N THR B 48 0.90 22.70 0.45
CA THR B 48 1.76 23.71 -0.16
C THR B 48 2.48 23.08 -1.35
N TRP B 49 2.82 23.90 -2.32
CA TRP B 49 3.61 23.46 -3.47
C TRP B 49 4.78 22.56 -3.02
N GLU B 50 5.12 22.64 -1.74
CA GLU B 50 6.13 21.80 -1.13
C GLU B 50 5.67 20.35 -1.04
N ASP B 51 4.40 20.17 -0.69
CA ASP B 51 3.80 18.85 -0.55
C ASP B 51 3.81 18.16 -1.90
N ALA B 52 3.41 18.91 -2.92
CA ALA B 52 3.50 18.46 -4.31
C ALA B 52 4.89 17.90 -4.55
N LEU B 53 5.86 18.81 -4.61
CA LEU B 53 7.26 18.49 -4.80
C LEU B 53 7.70 17.16 -4.14
N TYR B 54 7.43 17.01 -2.86
CA TYR B 54 7.89 15.81 -2.15
C TYR B 54 7.35 14.54 -2.82
N ILE B 55 6.11 14.64 -3.34
CA ILE B 55 5.42 13.49 -3.91
C ILE B 55 5.97 13.20 -5.30
N ILE B 56 6.04 14.24 -6.13
CA ILE B 56 6.68 14.14 -7.43
C ILE B 56 8.09 13.53 -7.31
N ARG B 57 8.87 14.09 -6.39
CA ARG B 57 10.27 13.75 -6.21
C ARG B 57 10.41 12.34 -5.68
N LYS B 58 9.36 11.84 -5.03
CA LYS B 58 9.40 10.48 -4.52
C LYS B 58 8.89 9.44 -5.50
N CYS B 59 7.89 9.81 -6.31
CA CYS B 59 7.37 8.95 -7.38
C CYS B 59 8.43 8.71 -8.44
N LEU B 60 9.23 9.74 -8.70
CA LEU B 60 10.14 9.71 -9.82
C LEU B 60 11.47 9.08 -9.48
N ASN B 61 11.85 9.11 -8.21
CA ASN B 61 13.19 8.73 -7.82
C ASN B 61 13.22 7.43 -7.04
N LEU B 62 12.07 7.01 -6.52
CA LEU B 62 11.98 5.76 -5.74
C LEU B 62 12.40 4.52 -6.52
N ARG B 63 13.31 3.76 -5.92
CA ARG B 63 13.83 2.58 -6.57
C ARG B 63 12.88 1.47 -6.25
N LEU B 64 12.08 1.11 -7.24
CA LEU B 64 11.09 0.06 -7.01
C LEU B 64 11.24 -1.15 -7.93
N TRP B 65 12.32 -1.22 -8.71
CA TRP B 65 12.59 -2.41 -9.52
C TRP B 65 13.94 -3.06 -9.24
N ASN B 66 13.97 -4.37 -9.44
CA ASN B 66 15.17 -5.15 -9.32
C ASN B 66 15.96 -5.08 -10.62
N ASN B 67 17.27 -5.24 -10.50
CA ASN B 67 18.22 -5.05 -11.59
C ASN B 67 19.32 -6.11 -11.47
N ASP B 68 19.28 -7.09 -12.38
CA ASP B 68 20.08 -8.34 -12.31
C ASP B 68 19.79 -9.02 -10.98
N ASN B 69 20.80 -9.03 -10.11
CA ASN B 69 20.71 -9.69 -8.81
C ASN B 69 20.61 -8.70 -7.64
N LYS B 70 20.24 -7.46 -7.96
CA LYS B 70 19.93 -6.49 -6.93
C LYS B 70 18.41 -6.35 -6.80
N THR B 71 17.97 -5.91 -5.62
CA THR B 71 16.56 -5.61 -5.35
C THR B 71 16.45 -4.16 -4.88
N TRP B 72 15.34 -3.49 -5.23
CA TRP B 72 15.09 -2.09 -4.82
C TRP B 72 16.21 -1.17 -5.27
N ASP B 73 16.50 -1.21 -6.57
CA ASP B 73 17.70 -0.61 -7.16
C ASP B 73 17.35 0.50 -8.15
N LYS B 74 16.39 0.21 -9.04
CA LYS B 74 16.07 1.09 -10.16
C LYS B 74 14.78 1.88 -9.99
N ASN B 75 14.82 3.16 -10.38
CA ASN B 75 13.60 3.97 -10.42
C ASN B 75 12.89 4.02 -11.79
N VAL B 76 11.76 4.73 -11.84
CA VAL B 76 10.93 4.79 -13.04
C VAL B 76 11.61 5.53 -14.20
N LYS B 77 12.51 6.45 -13.87
CA LYS B 77 13.26 7.17 -14.88
C LYS B 77 14.35 6.27 -15.45
N ASP B 78 15.06 5.64 -14.53
CA ASP B 78 16.21 4.79 -14.87
C ASP B 78 15.86 3.83 -15.98
N LEU B 79 14.66 3.24 -15.88
CA LEU B 79 14.22 2.19 -16.78
C LEU B 79 13.38 2.74 -17.90
N ASN B 80 13.43 4.04 -18.11
CA ASN B 80 12.57 4.68 -19.08
C ASN B 80 11.09 4.26 -19.04
N TYR B 81 10.55 4.12 -17.83
CA TYR B 81 9.15 3.74 -17.68
C TYR B 81 8.20 4.94 -17.54
N GLU B 82 6.91 4.66 -17.44
CA GLU B 82 5.88 5.68 -17.52
C GLU B 82 5.13 5.74 -16.21
N LEU B 83 4.37 6.83 -16.03
CA LEU B 83 3.58 7.08 -14.83
C LEU B 83 2.19 7.50 -15.20
N LEU B 84 1.19 6.84 -14.60
CA LEU B 84 -0.21 7.25 -14.74
C LEU B 84 -0.70 7.90 -13.44
N ILE B 85 -1.02 9.19 -13.53
CA ILE B 85 -1.38 9.96 -12.33
C ILE B 85 -2.86 10.23 -12.25
N VAL B 86 -3.48 9.74 -11.19
CA VAL B 86 -4.92 9.82 -11.03
C VAL B 86 -5.23 10.49 -9.70
N SER B 87 -6.04 11.54 -9.76
CA SER B 87 -6.42 12.32 -8.58
C SER B 87 -7.44 11.55 -7.76
N GLN B 88 -7.13 11.26 -6.50
CA GLN B 88 -7.94 10.32 -5.71
C GLN B 88 -8.28 10.87 -4.33
N PHE B 89 -9.34 11.68 -4.27
CA PHE B 89 -9.69 12.40 -3.04
C PHE B 89 -10.10 11.43 -1.92
N THR B 90 -10.67 10.30 -2.29
CA THR B 90 -11.17 9.34 -1.33
C THR B 90 -10.09 8.86 -0.36
N LEU B 91 -8.85 9.31 -0.59
CA LEU B 91 -7.73 9.03 0.32
C LEU B 91 -7.81 9.86 1.61
N PHE B 92 -8.53 10.97 1.55
CA PHE B 92 -8.80 11.79 2.72
C PHE B 92 -10.12 11.44 3.37
N GLY B 93 -10.68 10.33 2.89
CA GLY B 93 -11.84 9.74 3.49
C GLY B 93 -11.48 9.21 4.84
N ASN B 94 -11.68 10.06 5.84
CA ASN B 94 -11.68 9.68 7.25
C ASN B 94 -12.77 8.62 7.46
N THR B 95 -12.37 7.48 7.99
CA THR B 95 -13.34 6.43 8.28
C THR B 95 -13.25 6.03 9.75
N LYS B 96 -12.68 6.92 10.56
CA LYS B 96 -12.45 6.66 11.99
C LYS B 96 -13.74 6.65 12.80
N LYS B 97 -14.71 7.45 12.36
CA LYS B 97 -15.99 7.60 13.04
C LYS B 97 -17.09 7.14 12.11
N GLY B 98 -17.67 5.98 12.39
CA GLY B 98 -18.72 5.41 11.55
C GLY B 98 -18.26 4.93 10.17
N ASN B 99 -19.16 4.26 9.45
CA ASN B 99 -18.86 3.58 8.18
C ASN B 99 -19.06 4.41 6.91
N LYS B 100 -19.39 5.69 7.10
CA LYS B 100 -19.58 6.62 6.01
C LYS B 100 -18.36 7.54 5.91
N PRO B 101 -17.51 7.30 4.90
CA PRO B 101 -16.24 8.01 4.79
C PRO B 101 -16.51 9.48 4.77
N ASP B 102 -15.66 10.25 5.44
CA ASP B 102 -15.84 11.68 5.54
C ASP B 102 -14.67 12.44 4.89
N PHE B 103 -14.97 13.08 3.76
CA PHE B 103 -13.95 13.69 2.93
C PHE B 103 -13.68 15.17 3.24
N HIS B 104 -13.86 15.56 4.49
CA HIS B 104 -13.67 16.96 4.86
C HIS B 104 -12.25 17.49 4.70
N LEU B 105 -11.25 16.67 4.99
CA LEU B 105 -9.87 17.11 4.83
C LEU B 105 -9.47 17.39 3.38
N ALA B 106 -10.21 16.81 2.44
CA ALA B 106 -9.86 16.82 1.03
C ALA B 106 -10.07 18.16 0.36
N LYS B 107 -9.06 18.64 -0.36
CA LYS B 107 -9.18 19.87 -1.12
C LYS B 107 -10.33 19.81 -2.11
N GLU B 108 -11.01 20.93 -2.21
CA GLU B 108 -12.18 21.14 -3.05
C GLU B 108 -11.86 20.88 -4.55
N PRO B 109 -12.80 20.28 -5.32
CA PRO B 109 -12.56 19.94 -6.73
C PRO B 109 -11.95 20.99 -7.64
N ASN B 110 -12.36 22.26 -7.53
CA ASN B 110 -11.82 23.32 -8.39
C ASN B 110 -10.37 23.65 -8.07
N GLU B 111 -10.07 24.11 -6.86
CA GLU B 111 -8.67 24.38 -6.48
C GLU B 111 -7.83 23.13 -6.64
N ALA B 112 -8.46 21.96 -6.47
CA ALA B 112 -7.79 20.69 -6.65
C ALA B 112 -7.30 20.59 -8.08
N LEU B 113 -8.21 20.68 -9.07
CA LEU B 113 -7.86 20.54 -10.48
C LEU B 113 -6.68 21.42 -10.90
N ILE B 114 -6.72 22.70 -10.53
CA ILE B 114 -5.60 23.62 -10.81
C ILE B 114 -4.23 23.19 -10.19
N PHE B 115 -4.27 22.71 -8.95
CA PHE B 115 -3.09 22.26 -8.22
C PHE B 115 -2.56 21.00 -8.87
N TYR B 116 -3.47 20.05 -9.10
CA TYR B 116 -3.17 18.80 -9.78
C TYR B 116 -2.54 19.06 -11.13
N ASN B 117 -3.08 20.01 -11.88
CA ASN B 117 -2.46 20.39 -13.12
C ASN B 117 -1.02 20.83 -13.00
N LYS B 118 -0.74 21.62 -11.98
CA LYS B 118 0.61 22.10 -11.75
C LYS B 118 1.50 20.93 -11.40
N ILE B 119 0.92 19.93 -10.76
CA ILE B 119 1.64 18.71 -10.39
C ILE B 119 2.03 17.94 -11.65
N ILE B 120 1.16 17.95 -12.67
CA ILE B 120 1.44 17.27 -13.94
C ILE B 120 2.53 18.00 -14.75
N ASP B 121 2.39 19.33 -14.92
CA ASP B 121 3.43 20.19 -15.49
C ASP B 121 4.79 19.80 -14.94
N GLU B 122 4.86 19.70 -13.61
CA GLU B 122 6.14 19.49 -12.94
C GLU B 122 6.67 18.10 -13.17
N PHE B 123 5.82 17.09 -13.04
CA PHE B 123 6.14 15.71 -13.46
C PHE B 123 6.74 15.70 -14.87
N LYS B 124 6.16 16.47 -15.78
CA LYS B 124 6.70 16.58 -17.11
C LYS B 124 8.06 17.30 -17.14
N LYS B 125 8.14 18.52 -16.61
CA LYS B 125 9.44 19.20 -16.48
C LYS B 125 10.54 18.28 -15.91
N GLN B 126 10.24 17.52 -14.87
CA GLN B 126 11.28 16.71 -14.23
C GLN B 126 11.62 15.45 -15.01
N TYR B 127 10.61 14.73 -15.50
CA TYR B 127 10.87 13.47 -16.22
C TYR B 127 10.72 13.72 -17.70
N ASN B 128 9.56 13.38 -18.28
CA ASN B 128 9.37 13.68 -19.68
C ASN B 128 7.94 13.87 -20.13
N ASP B 129 7.76 14.88 -20.98
CA ASP B 129 6.48 15.21 -21.57
C ASP B 129 5.66 14.00 -22.02
N ASP B 130 6.30 13.00 -22.65
CA ASP B 130 5.61 11.80 -23.19
C ASP B 130 5.48 10.65 -22.18
N LYS B 131 6.02 10.81 -20.98
CA LYS B 131 5.98 9.73 -19.99
C LYS B 131 4.91 9.91 -18.90
N ILE B 132 4.33 11.10 -18.83
CA ILE B 132 3.28 11.36 -17.86
C ILE B 132 1.91 11.25 -18.54
N LYS B 133 1.19 10.20 -18.19
CA LYS B 133 -0.21 10.02 -18.58
C LYS B 133 -1.16 10.34 -17.39
N ILE B 134 -2.33 10.90 -17.72
CA ILE B 134 -3.31 11.29 -16.73
C ILE B 134 -4.67 10.70 -17.03
N GLY B 135 -5.68 11.13 -16.30
CA GLY B 135 -7.07 10.73 -16.56
C GLY B 135 -7.95 11.92 -16.86
N LYS B 136 -9.26 11.76 -16.71
CA LYS B 136 -10.15 12.92 -16.78
C LYS B 136 -10.63 13.25 -15.37
N PHE B 137 -9.99 14.27 -14.78
CA PHE B 137 -10.20 14.69 -13.40
C PHE B 137 -11.67 14.85 -13.10
N GLY B 138 -12.10 14.31 -11.96
CA GLY B 138 -13.49 14.49 -11.51
C GLY B 138 -14.57 13.78 -12.33
N ASN B 139 -14.21 12.65 -12.94
CA ASN B 139 -15.14 11.86 -13.72
C ASN B 139 -14.96 10.41 -13.33
N TYR B 140 -16.04 9.63 -13.39
CA TYR B 140 -15.89 8.20 -13.17
C TYR B 140 -14.94 7.60 -14.23
N MET B 141 -13.90 6.91 -13.74
CA MET B 141 -12.87 6.28 -14.56
C MET B 141 -12.83 4.78 -14.26
N ASN B 142 -12.60 4.02 -15.31
CA ASN B 142 -12.36 2.59 -15.22
C ASN B 142 -10.88 2.48 -15.53
N ILE B 143 -10.14 1.79 -14.67
CA ILE B 143 -8.71 1.57 -14.86
C ILE B 143 -8.39 0.10 -14.67
N ASP B 144 -7.97 -0.55 -15.74
CA ASP B 144 -7.41 -1.89 -15.59
C ASP B 144 -5.94 -1.74 -15.27
N VAL B 145 -5.51 -2.39 -14.19
CA VAL B 145 -4.16 -2.20 -13.68
C VAL B 145 -3.50 -3.56 -13.56
N THR B 146 -2.37 -3.74 -14.24
CA THR B 146 -1.67 -5.00 -14.10
C THR B 146 -0.63 -4.87 -13.01
N ASN B 147 -1.05 -5.25 -11.80
CA ASN B 147 -0.20 -5.09 -10.64
C ASN B 147 0.93 -6.09 -10.68
N ASP B 148 2.15 -5.53 -10.61
CA ASP B 148 3.38 -6.27 -10.80
C ASP B 148 4.08 -6.45 -9.45
N GLY B 149 3.93 -7.64 -8.88
CA GLY B 149 4.50 -7.91 -7.56
C GLY B 149 3.52 -8.52 -6.58
N PRO B 150 2.55 -7.72 -6.09
CA PRO B 150 2.40 -6.30 -6.34
C PRO B 150 3.22 -5.48 -5.37
N VAL B 151 3.45 -4.21 -5.72
CA VAL B 151 4.22 -3.31 -4.87
C VAL B 151 3.44 -2.03 -4.62
N THR B 152 2.99 -1.87 -3.39
CA THR B 152 2.21 -0.72 -3.03
C THR B 152 3.01 0.13 -2.06
N ILE B 153 3.14 1.42 -2.37
CA ILE B 153 3.87 2.34 -1.51
C ILE B 153 2.94 3.46 -1.05
N TYR B 154 2.91 3.73 0.25
CA TYR B 154 2.09 4.79 0.79
C TYR B 154 2.96 5.90 1.35
N ILE B 155 2.58 7.14 1.08
CA ILE B 155 3.25 8.28 1.63
C ILE B 155 2.22 9.34 2.06
N ASP B 156 2.27 9.76 3.32
CA ASP B 156 1.57 10.95 3.75
C ASP B 156 2.60 12.03 4.04
N THR B 157 2.53 13.12 3.32
CA THR B 157 3.59 14.09 3.43
C THR B 157 3.36 15.06 4.56
N HIS B 158 2.83 14.56 5.67
CA HIS B 158 2.73 15.38 6.87
C HIS B 158 3.59 14.76 7.96
N ASP B 159 4.69 14.13 7.52
CA ASP B 159 5.58 13.34 8.38
C ASP B 159 7.04 13.69 8.10
N MET C 1 48.53 27.43 -21.94
CA MET C 1 48.25 26.42 -20.89
C MET C 1 46.74 26.27 -20.70
N ARG C 2 46.33 25.03 -20.47
CA ARG C 2 44.94 24.67 -20.20
C ARG C 2 44.85 23.93 -18.87
N VAL C 3 43.95 24.35 -17.98
CA VAL C 3 43.78 23.60 -16.73
C VAL C 3 42.33 23.15 -16.45
N VAL C 4 42.20 21.99 -15.82
CA VAL C 4 40.92 21.56 -15.28
C VAL C 4 41.00 21.44 -13.75
N ILE C 5 40.37 22.40 -13.06
CA ILE C 5 40.30 22.33 -11.60
C ILE C 5 39.06 21.57 -11.20
N GLN C 6 39.16 20.85 -10.09
CA GLN C 6 38.08 20.01 -9.61
C GLN C 6 38.18 19.95 -8.09
N ARG C 7 37.14 20.40 -7.42
CA ARG C 7 37.18 20.46 -5.98
C ARG C 7 37.06 19.04 -5.43
N VAL C 8 37.80 18.77 -4.35
CA VAL C 8 37.90 17.42 -3.83
C VAL C 8 37.93 17.38 -2.33
N LYS C 9 37.37 16.32 -1.77
CA LYS C 9 37.50 15.98 -0.37
C LYS C 9 38.72 15.07 -0.13
N GLY C 10 39.19 14.43 -1.20
CA GLY C 10 40.34 13.55 -1.16
C GLY C 10 40.72 13.09 -2.55
N ALA C 11 41.97 12.69 -2.74
CA ALA C 11 42.43 12.12 -3.99
C ALA C 11 43.60 11.20 -3.72
N ILE C 12 43.59 10.01 -4.30
CA ILE C 12 44.63 9.03 -4.02
C ILE C 12 45.30 8.59 -5.32
N LEU C 13 46.55 9.01 -5.52
CA LEU C 13 47.32 8.73 -6.74
C LEU C 13 48.20 7.51 -6.61
N SER C 14 48.09 6.62 -7.59
CA SER C 14 48.81 5.37 -7.55
C SER C 14 49.28 4.92 -8.92
N VAL C 15 50.45 4.29 -8.97
CA VAL C 15 51.08 3.86 -10.24
C VAL C 15 51.16 2.35 -10.36
N ARG C 16 51.15 1.83 -11.58
CA ARG C 16 51.32 0.40 -11.83
C ARG C 16 52.72 -0.02 -11.42
N LYS C 17 52.84 -1.06 -10.62
CA LYS C 17 54.19 -1.52 -10.29
C LYS C 17 54.58 -2.72 -11.15
N GLU C 18 55.82 -2.70 -11.62
CA GLU C 18 56.41 -3.81 -12.39
C GLU C 18 56.69 -5.03 -11.49
N ASN C 19 56.97 -6.18 -12.11
CA ASN C 19 57.01 -7.45 -11.38
C ASN C 19 55.57 -7.71 -10.95
N ILE C 20 55.34 -8.17 -9.71
CA ILE C 20 53.99 -8.42 -9.19
C ILE C 20 53.29 -9.61 -9.90
N GLY C 21 52.77 -10.54 -9.10
CA GLY C 21 52.18 -11.79 -9.64
C GLY C 21 50.67 -11.82 -9.69
N GLU C 22 50.11 -13.03 -9.55
CA GLU C 22 48.68 -13.20 -9.35
C GLU C 22 48.41 -12.94 -7.86
N ASN C 23 47.33 -12.20 -7.58
CA ASN C 23 46.95 -11.86 -6.20
C ASN C 23 48.02 -11.14 -5.35
N GLU C 24 49.11 -10.71 -5.99
CA GLU C 24 49.90 -9.57 -5.48
C GLU C 24 49.11 -8.30 -5.87
N LYS C 25 49.44 -7.13 -5.28
CA LYS C 25 48.57 -5.93 -5.47
C LYS C 25 48.45 -5.38 -6.90
N GLU C 26 49.53 -4.80 -7.45
CA GLU C 26 49.51 -4.08 -8.76
C GLU C 26 48.79 -2.75 -8.59
N LEU C 27 49.51 -1.65 -8.67
CA LEU C 27 49.01 -0.34 -8.19
C LEU C 27 49.46 -0.08 -6.76
N GLU C 28 50.43 0.81 -6.62
CA GLU C 28 50.94 1.19 -5.33
C GLU C 28 50.73 2.67 -5.24
N ILE C 29 50.20 3.10 -4.11
CA ILE C 29 49.86 4.48 -3.89
C ILE C 29 51.14 5.24 -3.67
N ILE C 30 51.30 6.36 -4.36
CA ILE C 30 52.55 7.11 -4.22
C ILE C 30 52.36 8.56 -3.78
N SER C 31 51.10 8.99 -3.65
CA SER C 31 50.75 10.40 -3.49
C SER C 31 49.31 10.47 -3.02
N GLU C 32 48.96 11.50 -2.24
CA GLU C 32 47.68 11.50 -1.52
C GLU C 32 47.32 12.87 -0.93
N ILE C 33 46.13 13.37 -1.27
CA ILE C 33 45.62 14.60 -0.65
C ILE C 33 44.26 14.43 0.02
N LYS C 34 43.95 15.36 0.91
CA LYS C 34 42.62 15.47 1.52
C LYS C 34 41.85 16.55 0.78
N ASN C 35 41.11 17.38 1.51
CA ASN C 35 40.34 18.44 0.87
C ASN C 35 41.30 19.33 0.16
N GLY C 36 40.90 19.77 -1.01
CA GLY C 36 41.79 20.58 -1.80
C GLY C 36 41.30 20.67 -3.21
N LEU C 37 42.27 20.85 -4.11
CA LEU C 37 42.02 20.90 -5.53
C LEU C 37 42.87 19.87 -6.19
N ILE C 38 42.36 19.30 -7.26
CA ILE C 38 43.18 18.51 -8.15
C ILE C 38 43.12 19.29 -9.46
N CYS C 39 44.28 19.56 -10.02
CA CYS C 39 44.37 20.37 -11.22
C CYS C 39 45.03 19.57 -12.30
N PHE C 40 44.31 19.36 -13.38
CA PHE C 40 44.81 18.64 -14.54
C PHE C 40 45.46 19.65 -15.47
N LEU C 41 46.76 19.50 -15.67
CA LEU C 41 47.54 20.54 -16.31
C LEU C 41 48.06 20.16 -17.70
N GLY C 42 47.60 20.87 -18.70
CA GLY C 42 48.11 20.67 -20.06
C GLY C 42 49.01 21.82 -20.48
N ILE C 43 50.17 21.48 -21.04
CA ILE C 43 51.11 22.50 -21.47
C ILE C 43 51.27 22.48 -22.97
N HIS C 44 51.01 23.66 -23.55
CA HIS C 44 50.92 23.88 -25.00
C HIS C 44 52.30 24.03 -25.63
N LYS C 45 52.47 23.59 -26.88
CA LYS C 45 53.77 23.75 -27.56
C LYS C 45 54.28 25.18 -27.62
N ASN C 46 53.38 26.17 -27.52
CA ASN C 46 53.73 27.59 -27.52
C ASN C 46 53.54 28.27 -26.18
N ASP C 47 53.68 27.52 -25.10
CA ASP C 47 53.44 28.08 -23.77
C ASP C 47 54.64 28.86 -23.28
N THR C 48 54.37 29.98 -22.61
CA THR C 48 55.41 30.83 -22.02
C THR C 48 55.17 30.95 -20.53
N TRP C 49 56.21 31.24 -19.76
CA TRP C 49 56.10 31.33 -18.29
C TRP C 49 55.01 32.29 -17.78
N GLU C 50 54.50 33.14 -18.66
CA GLU C 50 53.30 33.93 -18.38
C GLU C 50 52.14 32.99 -18.07
N ASP C 51 51.92 32.05 -18.99
CA ASP C 51 50.90 31.00 -18.89
C ASP C 51 51.00 30.25 -17.57
N ALA C 52 52.16 29.64 -17.31
CA ALA C 52 52.41 28.93 -16.07
C ALA C 52 52.06 29.75 -14.82
N LEU C 53 52.53 30.99 -14.78
CA LEU C 53 52.36 31.85 -13.61
C LEU C 53 50.89 32.30 -13.44
N TYR C 54 50.18 32.43 -14.55
CA TYR C 54 48.76 32.77 -14.51
C TYR C 54 47.98 31.68 -13.79
N ILE C 55 48.13 30.44 -14.28
CA ILE C 55 47.49 29.26 -13.74
C ILE C 55 47.79 29.05 -12.26
N ILE C 56 49.07 29.14 -11.90
CA ILE C 56 49.47 28.95 -10.50
C ILE C 56 48.71 29.92 -9.62
N ARG C 57 48.74 31.21 -9.99
CA ARG C 57 48.08 32.29 -9.26
C ARG C 57 46.62 31.95 -9.02
N LYS C 58 45.91 31.65 -10.11
CA LYS C 58 44.50 31.28 -10.04
C LYS C 58 44.25 30.07 -9.14
N CYS C 59 44.98 28.99 -9.40
CA CYS C 59 44.78 27.75 -8.65
C CYS C 59 44.84 28.03 -7.15
N LEU C 60 45.79 28.86 -6.76
CA LEU C 60 46.02 29.15 -5.35
C LEU C 60 45.07 30.18 -4.78
N ASN C 61 44.55 31.02 -5.65
CA ASN C 61 43.80 32.17 -5.20
C ASN C 61 42.30 32.12 -5.47
N LEU C 62 41.86 31.19 -6.32
CA LEU C 62 40.44 31.06 -6.63
C LEU C 62 39.65 30.59 -5.43
N ARG C 63 38.63 31.38 -5.12
CA ARG C 63 37.75 31.18 -3.99
C ARG C 63 36.65 30.25 -4.46
N LEU C 64 36.68 29.01 -3.97
CA LEU C 64 35.84 27.94 -4.48
C LEU C 64 35.19 27.20 -3.34
N TRP C 65 35.47 27.63 -2.12
CA TRP C 65 34.82 27.03 -0.95
C TRP C 65 33.86 27.99 -0.28
N ASN C 66 32.75 27.44 0.20
CA ASN C 66 31.82 28.16 1.07
C ASN C 66 32.54 28.55 2.36
N ASN C 67 31.90 29.40 3.16
CA ASN C 67 32.53 29.95 4.35
C ASN C 67 31.63 29.91 5.60
N ASP C 68 30.80 28.87 5.71
CA ASP C 68 29.79 28.76 6.77
C ASP C 68 28.99 30.07 6.79
N ASN C 69 28.44 30.43 5.63
CA ASN C 69 27.92 31.77 5.34
C ASN C 69 27.93 31.97 3.81
N LYS C 70 28.92 32.73 3.36
CA LYS C 70 29.07 33.13 1.96
C LYS C 70 29.53 31.91 1.18
N THR C 71 29.07 31.81 -0.07
CA THR C 71 29.58 30.81 -1.00
C THR C 71 30.71 31.45 -1.81
N TRP C 72 31.47 30.63 -2.53
CA TRP C 72 32.62 31.10 -3.32
C TRP C 72 33.38 32.19 -2.57
N ASP C 73 33.94 31.82 -1.42
CA ASP C 73 34.62 32.78 -0.57
C ASP C 73 36.08 32.49 -0.29
N LYS C 74 36.42 31.26 0.06
CA LYS C 74 37.79 30.96 0.49
C LYS C 74 38.57 30.16 -0.53
N ASN C 75 39.90 30.24 -0.46
CA ASN C 75 40.78 29.45 -1.32
C ASN C 75 41.61 28.41 -0.56
N VAL C 76 42.37 27.63 -1.32
CA VAL C 76 43.16 26.51 -0.79
C VAL C 76 44.03 26.95 0.37
N LYS C 77 44.73 28.05 0.16
CA LYS C 77 45.66 28.63 1.14
C LYS C 77 44.98 29.06 2.44
N ASP C 78 43.85 29.76 2.30
CA ASP C 78 43.03 30.24 3.42
C ASP C 78 42.66 29.11 4.38
N LEU C 79 42.20 27.99 3.83
CA LEU C 79 41.69 26.89 4.62
C LEU C 79 42.69 25.75 4.77
N ASN C 80 43.96 26.02 4.46
CA ASN C 80 45.08 25.09 4.71
C ASN C 80 44.90 23.72 4.00
N TYR C 81 44.44 23.76 2.75
CA TYR C 81 44.12 22.55 1.98
C TYR C 81 45.16 22.29 0.87
N GLU C 82 45.35 21.02 0.51
CA GLU C 82 46.38 20.62 -0.46
C GLU C 82 45.95 20.77 -1.92
N LEU C 83 46.94 20.68 -2.81
CA LEU C 83 46.73 20.59 -4.25
C LEU C 83 47.49 19.41 -4.85
N LEU C 84 46.82 18.66 -5.71
CA LEU C 84 47.43 17.59 -6.46
C LEU C 84 47.52 18.06 -7.88
N ILE C 85 48.73 18.08 -8.42
CA ILE C 85 48.94 18.58 -9.77
C ILE C 85 49.34 17.43 -10.70
N VAL C 86 48.61 17.29 -11.80
CA VAL C 86 48.76 16.14 -12.66
C VAL C 86 48.93 16.58 -14.09
N SER C 87 49.96 16.10 -14.77
CA SER C 87 50.17 16.50 -16.16
C SER C 87 49.17 15.80 -17.04
N GLN C 88 48.52 16.58 -17.89
CA GLN C 88 47.44 16.08 -18.71
C GLN C 88 47.53 16.57 -20.13
N PHE C 89 48.45 16.02 -20.90
CA PHE C 89 48.59 16.47 -22.29
C PHE C 89 47.28 16.33 -23.11
N THR C 90 46.40 15.39 -22.75
CA THR C 90 45.17 15.10 -23.51
C THR C 90 44.22 16.30 -23.63
N LEU C 91 44.43 17.29 -22.78
CA LEU C 91 43.63 18.52 -22.78
C LEU C 91 43.82 19.31 -24.08
N PHE C 92 44.73 18.82 -24.93
CA PHE C 92 45.02 19.41 -26.24
C PHE C 92 44.66 18.49 -27.39
N GLY C 93 43.90 17.45 -27.10
CA GLY C 93 43.33 16.60 -28.12
C GLY C 93 42.22 17.33 -28.84
N ASN C 94 42.56 17.95 -29.95
CA ASN C 94 41.57 18.39 -30.94
C ASN C 94 40.68 17.18 -31.34
N THR C 95 39.36 17.37 -31.24
CA THR C 95 38.43 16.31 -31.63
C THR C 95 37.48 16.77 -32.73
N LYS C 96 37.73 17.97 -33.26
CA LYS C 96 37.00 18.53 -34.41
C LYS C 96 37.27 17.72 -35.67
N LYS C 97 38.52 17.25 -35.79
CA LYS C 97 38.99 16.50 -36.96
C LYS C 97 38.16 15.22 -37.15
N GLY C 98 38.28 14.29 -36.21
CA GLY C 98 37.49 13.05 -36.26
C GLY C 98 37.33 12.39 -34.89
N ASN C 99 37.06 11.08 -34.91
CA ASN C 99 36.88 10.29 -33.68
C ASN C 99 38.18 9.72 -33.06
N LYS C 100 39.31 10.35 -33.41
CA LYS C 100 40.61 10.02 -32.88
C LYS C 100 41.27 11.34 -32.49
N PRO C 101 41.67 11.52 -31.21
CA PRO C 101 42.23 12.82 -30.81
C PRO C 101 43.69 12.99 -31.20
N ASP C 102 44.04 14.17 -31.68
CA ASP C 102 45.43 14.46 -32.00
C ASP C 102 45.92 15.67 -31.21
N PHE C 103 47.05 15.48 -30.53
CA PHE C 103 47.55 16.42 -29.51
C PHE C 103 48.71 17.24 -30.06
N HIS C 104 48.80 17.26 -31.40
CA HIS C 104 49.94 17.85 -32.12
C HIS C 104 50.27 19.27 -31.66
N LEU C 105 49.29 19.88 -30.98
CA LEU C 105 49.39 21.23 -30.45
C LEU C 105 49.95 21.27 -29.03
N ALA C 106 50.28 20.11 -28.47
CA ALA C 106 50.78 20.05 -27.09
C ALA C 106 52.30 19.98 -27.07
N LYS C 107 52.90 20.44 -25.97
CA LYS C 107 54.34 20.47 -25.84
C LYS C 107 54.96 19.08 -25.70
N GLU C 108 55.99 18.86 -26.51
CA GLU C 108 56.74 17.60 -26.55
C GLU C 108 57.10 17.09 -25.14
N PRO C 109 56.91 15.78 -24.89
CA PRO C 109 57.23 15.11 -23.63
C PRO C 109 58.51 15.56 -22.87
N ASN C 110 59.63 15.76 -23.56
CA ASN C 110 60.93 16.02 -22.88
C ASN C 110 61.10 17.45 -22.39
N GLU C 111 60.55 18.40 -23.15
CA GLU C 111 60.55 19.81 -22.79
C GLU C 111 59.45 20.14 -21.79
N ALA C 112 58.32 19.48 -21.95
CA ALA C 112 57.18 19.68 -21.07
C ALA C 112 57.51 19.23 -19.65
N LEU C 113 58.35 18.21 -19.51
CA LEU C 113 58.77 17.69 -18.19
C LEU C 113 59.46 18.76 -17.35
N ILE C 114 60.25 19.61 -18.02
CA ILE C 114 60.97 20.69 -17.36
C ILE C 114 59.98 21.77 -16.89
N PHE C 115 59.03 22.07 -17.77
CA PHE C 115 57.99 23.05 -17.49
C PHE C 115 57.12 22.60 -16.31
N TYR C 116 56.63 21.36 -16.38
CA TYR C 116 55.84 20.77 -15.32
C TYR C 116 56.59 20.96 -14.01
N ASN C 117 57.84 20.50 -13.97
CA ASN C 117 58.69 20.60 -12.78
C ASN C 117 58.96 22.02 -12.31
N LYS C 118 59.07 22.94 -13.26
CA LYS C 118 59.27 24.33 -12.92
C LYS C 118 58.03 24.83 -12.18
N ILE C 119 56.87 24.62 -12.80
CA ILE C 119 55.58 24.96 -12.20
C ILE C 119 55.48 24.38 -10.80
N ILE C 120 55.87 23.12 -10.62
CA ILE C 120 55.80 22.47 -9.31
C ILE C 120 56.66 23.21 -8.28
N ASP C 121 57.85 23.63 -8.70
CA ASP C 121 58.74 24.44 -7.84
C ASP C 121 58.10 25.79 -7.52
N GLU C 122 57.47 26.39 -8.53
CA GLU C 122 56.81 27.68 -8.36
C GLU C 122 55.42 27.56 -7.70
N PHE C 123 54.88 26.33 -7.64
CA PHE C 123 53.68 26.07 -6.85
C PHE C 123 54.11 26.01 -5.40
N LYS C 124 55.12 25.18 -5.15
CA LYS C 124 55.74 25.05 -3.85
C LYS C 124 56.18 26.40 -3.29
N LYS C 125 56.73 27.25 -4.15
CA LYS C 125 57.27 28.56 -3.76
C LYS C 125 56.19 29.52 -3.25
N GLN C 126 55.15 29.71 -4.07
CA GLN C 126 54.04 30.61 -3.74
C GLN C 126 53.10 30.09 -2.62
N TYR C 127 53.16 28.79 -2.34
CA TYR C 127 52.41 28.21 -1.22
C TYR C 127 53.39 27.66 -0.20
N ASN C 128 53.61 26.35 -0.27
CA ASN C 128 54.25 25.61 0.77
C ASN C 128 54.55 24.22 0.20
N ASP C 129 55.83 23.86 0.18
CA ASP C 129 56.26 22.59 -0.39
C ASP C 129 55.51 21.33 0.13
N ASP C 130 55.02 21.39 1.38
CA ASP C 130 54.28 20.29 2.03
C ASP C 130 52.79 20.22 1.63
N LYS C 131 52.26 21.30 1.07
CA LYS C 131 50.84 21.28 0.68
C LYS C 131 50.67 21.11 -0.84
N ILE C 132 51.72 20.64 -1.50
CA ILE C 132 51.69 20.37 -2.93
C ILE C 132 52.12 18.91 -3.18
N LYS C 133 51.23 18.13 -3.77
CA LYS C 133 51.56 16.76 -4.15
C LYS C 133 51.67 16.67 -5.67
N ILE C 134 52.24 15.56 -6.15
CA ILE C 134 52.40 15.32 -7.56
C ILE C 134 52.27 13.84 -7.89
N GLY C 135 52.29 13.50 -9.18
CA GLY C 135 52.31 12.13 -9.64
C GLY C 135 53.50 11.86 -10.54
N LYS C 136 53.61 10.64 -11.07
CA LYS C 136 54.71 10.32 -11.98
C LYS C 136 54.45 10.87 -13.40
N PHE C 137 55.02 12.05 -13.67
CA PHE C 137 54.78 12.81 -14.89
C PHE C 137 54.53 11.99 -16.15
N GLY C 138 55.47 11.12 -16.49
CA GLY C 138 55.39 10.43 -17.78
C GLY C 138 54.54 9.18 -17.75
N ASN C 139 54.22 8.72 -16.53
CA ASN C 139 53.60 7.41 -16.26
C ASN C 139 52.08 7.30 -16.33
N TYR C 140 51.60 6.06 -16.50
CA TYR C 140 50.18 5.77 -16.33
C TYR C 140 49.83 5.86 -14.85
N MET C 141 48.75 6.56 -14.56
CA MET C 141 48.23 6.70 -13.21
C MET C 141 46.79 6.25 -13.03
N ASN C 142 46.53 5.80 -11.81
CA ASN C 142 45.21 5.53 -11.32
C ASN C 142 44.98 6.59 -10.23
N ILE C 143 43.91 7.38 -10.34
CA ILE C 143 43.60 8.42 -9.36
C ILE C 143 42.17 8.33 -8.83
N ASP C 144 42.04 8.12 -7.52
CA ASP C 144 40.74 8.03 -6.90
C ASP C 144 40.44 9.38 -6.33
N VAL C 145 39.38 9.99 -6.82
CA VAL C 145 39.06 11.37 -6.50
C VAL C 145 37.66 11.42 -5.90
N THR C 146 37.53 12.03 -4.73
CA THR C 146 36.21 12.37 -4.18
C THR C 146 35.75 13.76 -4.65
N ASN C 147 35.08 13.82 -5.79
CA ASN C 147 34.55 15.08 -6.28
C ASN C 147 33.52 15.70 -5.31
N ASP C 148 33.79 16.94 -4.92
CA ASP C 148 32.99 17.64 -3.94
C ASP C 148 32.12 18.73 -4.59
N GLY C 149 30.89 18.34 -4.90
CA GLY C 149 29.90 19.24 -5.49
C GLY C 149 29.15 18.57 -6.62
N PRO C 150 29.87 18.29 -7.72
CA PRO C 150 31.28 18.63 -7.83
C PRO C 150 31.50 20.07 -8.29
N VAL C 151 32.72 20.59 -8.15
CA VAL C 151 33.07 21.88 -8.75
C VAL C 151 34.13 21.70 -9.82
N THR C 152 33.85 22.14 -11.04
CA THR C 152 34.78 21.94 -12.15
C THR C 152 35.04 23.25 -12.85
N ILE C 153 36.25 23.79 -12.67
CA ILE C 153 36.60 25.03 -13.33
C ILE C 153 37.51 24.74 -14.51
N TYR C 154 37.39 25.56 -15.55
CA TYR C 154 38.24 25.41 -16.73
C TYR C 154 38.79 26.73 -17.25
N ILE C 155 40.12 26.81 -17.31
CA ILE C 155 40.84 27.99 -17.77
C ILE C 155 41.79 27.61 -18.90
N ASP C 156 41.85 28.43 -19.94
CA ASP C 156 42.82 28.26 -21.02
C ASP C 156 43.58 29.55 -21.23
N THR C 157 44.69 29.73 -20.53
CA THR C 157 45.46 30.99 -20.56
C THR C 157 45.40 31.71 -21.90
N HIS C 158 45.48 30.97 -23.00
CA HIS C 158 45.37 31.50 -24.37
C HIS C 158 44.08 32.29 -24.67
N ASP C 159 43.62 33.04 -23.66
CA ASP C 159 42.46 33.92 -23.76
C ASP C 159 42.76 35.30 -23.15
N MET D 1 28.34 25.27 -25.46
CA MET D 1 28.12 24.05 -24.63
C MET D 1 29.45 23.49 -24.27
N ARG D 2 29.57 23.00 -23.05
CA ARG D 2 30.87 22.59 -22.55
C ARG D 2 30.85 21.23 -21.86
N VAL D 3 31.85 20.41 -22.16
CA VAL D 3 32.01 19.14 -21.46
C VAL D 3 33.48 18.80 -21.18
N VAL D 4 33.73 18.42 -19.93
CA VAL D 4 34.97 17.77 -19.54
C VAL D 4 34.64 16.28 -19.46
N ILE D 5 35.23 15.50 -20.37
CA ILE D 5 35.09 14.05 -20.41
C ILE D 5 36.24 13.41 -19.67
N GLN D 6 35.97 12.41 -18.82
CA GLN D 6 37.05 11.68 -18.17
C GLN D 6 36.91 10.18 -18.29
N ARG D 7 38.04 9.51 -18.48
CA ARG D 7 38.07 8.09 -18.64
C ARG D 7 38.16 7.46 -17.26
N VAL D 8 37.32 6.47 -17.01
CA VAL D 8 37.19 5.92 -15.66
C VAL D 8 37.23 4.39 -15.60
N LYS D 9 37.66 3.87 -14.45
CA LYS D 9 37.51 2.44 -14.20
C LYS D 9 36.29 2.23 -13.32
N GLY D 10 35.64 3.33 -12.97
CA GLY D 10 34.46 3.32 -12.12
C GLY D 10 34.13 4.68 -11.55
N ALA D 11 32.86 4.87 -11.19
CA ALA D 11 32.35 6.12 -10.59
C ALA D 11 31.07 5.91 -9.76
N ILE D 12 31.01 6.52 -8.58
CA ILE D 12 29.93 6.29 -7.64
C ILE D 12 29.35 7.62 -7.18
N LEU D 13 28.10 7.88 -7.57
CA LEU D 13 27.50 9.18 -7.32
C LEU D 13 26.62 9.14 -6.10
N SER D 14 26.85 10.07 -5.19
CA SER D 14 26.01 10.18 -4.01
C SER D 14 25.49 11.59 -3.83
N VAL D 15 24.38 11.67 -3.11
CA VAL D 15 23.74 12.94 -2.74
C VAL D 15 23.42 12.86 -1.24
N ARG D 16 22.85 13.94 -0.68
CA ARG D 16 22.50 13.99 0.75
C ARG D 16 21.22 13.23 1.07
N GLU D 26 25.40 12.47 6.23
CA GLU D 26 25.70 11.21 5.54
C GLU D 26 25.04 11.20 4.16
N LEU D 27 25.72 10.53 3.21
CA LEU D 27 25.30 10.50 1.83
C LEU D 27 24.67 9.15 1.51
N GLU D 28 23.90 9.12 0.44
CA GLU D 28 23.36 7.88 -0.08
C GLU D 28 23.66 7.86 -1.57
N ILE D 29 24.09 6.68 -2.02
CA ILE D 29 24.42 6.41 -3.42
C ILE D 29 23.15 6.42 -4.27
N ILE D 30 23.23 6.98 -5.46
CA ILE D 30 22.09 6.98 -6.39
C ILE D 30 22.46 6.71 -7.85
N SER D 31 23.74 6.38 -8.08
CA SER D 31 24.36 6.11 -9.41
C SER D 31 25.75 5.47 -9.33
N GLU D 32 25.98 4.53 -10.22
CA GLU D 32 27.22 3.77 -10.30
C GLU D 32 27.49 3.37 -11.73
N ILE D 33 28.69 3.67 -12.21
CA ILE D 33 29.21 3.02 -13.41
C ILE D 33 30.51 2.28 -13.09
N LYS D 34 30.79 1.25 -13.88
CA LYS D 34 32.13 0.64 -13.89
C LYS D 34 32.99 1.41 -14.89
N ASN D 35 33.81 0.72 -15.68
CA ASN D 35 34.57 1.34 -16.78
C ASN D 35 33.67 2.16 -17.70
N GLY D 36 34.10 3.37 -18.02
CA GLY D 36 33.39 4.24 -18.95
C GLY D 36 33.83 5.70 -18.88
N LEU D 37 32.93 6.61 -19.21
CA LEU D 37 33.21 8.04 -19.14
C LEU D 37 32.35 8.70 -18.08
N ILE D 38 32.92 9.64 -17.33
CA ILE D 38 32.14 10.62 -16.63
C ILE D 38 32.21 11.96 -17.40
N CYS D 39 31.10 12.35 -18.01
CA CYS D 39 31.03 13.60 -18.78
C CYS D 39 30.51 14.70 -17.89
N PHE D 40 31.31 15.73 -17.66
CA PHE D 40 30.86 16.88 -16.86
C PHE D 40 30.41 17.95 -17.82
N LEU D 41 29.12 18.25 -17.75
CA LEU D 41 28.45 19.07 -18.77
C LEU D 41 27.90 20.39 -18.24
N GLY D 42 28.32 21.48 -18.88
CA GLY D 42 27.70 22.77 -18.67
C GLY D 42 26.97 23.18 -19.92
N ILE D 43 25.72 23.61 -19.76
CA ILE D 43 24.91 24.11 -20.88
C ILE D 43 24.92 25.64 -20.93
N HIS D 44 25.31 26.19 -22.07
CA HIS D 44 25.36 27.64 -22.31
C HIS D 44 23.97 28.27 -22.50
N LYS D 45 23.85 29.53 -22.09
CA LYS D 45 22.63 30.32 -22.30
C LYS D 45 22.07 30.21 -23.72
N ASN D 46 22.95 30.24 -24.72
CA ASN D 46 22.53 30.22 -26.12
C ASN D 46 22.59 28.84 -26.80
N ASP D 47 22.78 27.78 -26.02
CA ASP D 47 22.85 26.45 -26.61
C ASP D 47 21.62 26.09 -27.43
N THR D 48 21.88 25.51 -28.60
CA THR D 48 20.80 24.94 -29.42
C THR D 48 20.90 23.42 -29.44
N TRP D 49 19.88 22.77 -29.98
CA TRP D 49 19.89 21.32 -30.07
C TRP D 49 21.12 20.83 -30.83
N GLU D 50 21.67 21.67 -31.72
CA GLU D 50 22.86 21.30 -32.50
C GLU D 50 24.05 21.07 -31.57
N ASP D 51 24.25 22.03 -30.66
CA ASP D 51 25.25 21.95 -29.59
C ASP D 51 25.16 20.61 -28.87
N ALA D 52 24.05 20.39 -28.18
CA ALA D 52 23.77 19.13 -27.53
C ALA D 52 24.11 17.94 -28.41
N LEU D 53 23.52 17.86 -29.59
CA LEU D 53 23.76 16.74 -30.52
C LEU D 53 25.22 16.40 -30.72
N TYR D 54 26.03 17.43 -30.87
CA TYR D 54 27.43 17.27 -31.13
C TYR D 54 28.07 16.60 -29.94
N ILE D 55 27.81 17.17 -28.75
CA ILE D 55 28.33 16.65 -27.50
C ILE D 55 28.00 15.17 -27.43
N ILE D 56 26.72 14.84 -27.46
CA ILE D 56 26.29 13.45 -27.46
C ILE D 56 27.12 12.66 -28.46
N ARG D 57 27.25 13.19 -29.68
CA ARG D 57 27.95 12.44 -30.71
C ARG D 57 29.41 12.18 -30.30
N LYS D 58 30.12 13.19 -29.78
CA LYS D 58 31.49 12.99 -29.34
C LYS D 58 31.62 12.03 -28.17
N CYS D 59 30.88 12.29 -27.09
CA CYS D 59 30.92 11.42 -25.91
C CYS D 59 30.82 9.95 -26.29
N LEU D 60 29.89 9.63 -27.18
CA LEU D 60 29.69 8.25 -27.58
C LEU D 60 30.80 7.72 -28.48
N ASN D 61 31.23 8.52 -29.46
CA ASN D 61 32.10 7.97 -30.51
C ASN D 61 33.59 8.21 -30.39
N LEU D 62 33.98 9.15 -29.53
CA LEU D 62 35.39 9.39 -29.23
C LEU D 62 36.04 8.12 -28.80
N ARG D 63 37.14 7.79 -29.44
CA ARG D 63 37.81 6.51 -29.20
C ARG D 63 38.93 6.65 -28.17
N LEU D 64 38.62 6.37 -26.91
CA LEU D 64 39.52 6.77 -25.81
C LEU D 64 40.27 5.63 -25.13
N TRP D 65 40.04 4.40 -25.57
CA TRP D 65 40.71 3.25 -24.99
C TRP D 65 41.71 2.63 -25.95
N ASN D 66 42.75 2.02 -25.39
CA ASN D 66 43.68 1.25 -26.20
C ASN D 66 43.01 -0.04 -26.70
N ASN D 67 43.57 -0.63 -27.74
CA ASN D 67 43.21 -1.97 -28.17
C ASN D 67 44.51 -2.76 -28.32
N ASP D 68 44.82 -3.53 -27.28
CA ASP D 68 46.12 -4.19 -27.12
C ASP D 68 47.19 -3.17 -27.27
N ASN D 69 47.79 -3.21 -28.45
CA ASN D 69 48.85 -2.32 -28.79
C ASN D 69 48.40 -0.92 -29.23
N LYS D 70 47.31 -0.86 -30.02
CA LYS D 70 46.83 0.42 -30.60
C LYS D 70 46.16 1.30 -29.56
N THR D 71 46.57 2.56 -29.50
CA THR D 71 46.00 3.56 -28.60
C THR D 71 44.86 4.29 -29.27
N TRP D 72 44.11 5.07 -28.48
CA TRP D 72 42.95 5.85 -28.96
C TRP D 72 42.22 5.10 -30.06
N ASP D 73 41.85 3.86 -29.78
CA ASP D 73 41.27 2.99 -30.80
C ASP D 73 39.78 2.69 -30.64
N LYS D 74 39.34 2.33 -29.44
CA LYS D 74 37.93 1.99 -29.22
C LYS D 74 37.18 3.07 -28.45
N ASN D 75 35.90 3.29 -28.80
CA ASN D 75 35.05 4.24 -28.07
C ASN D 75 34.21 3.57 -27.00
N VAL D 76 33.51 4.37 -26.20
CA VAL D 76 32.75 3.80 -25.07
C VAL D 76 31.77 2.69 -25.48
N LYS D 77 31.13 2.85 -26.64
CA LYS D 77 30.16 1.86 -27.14
C LYS D 77 30.84 0.54 -27.51
N ASP D 78 31.97 0.63 -28.24
CA ASP D 78 32.70 -0.53 -28.78
C ASP D 78 32.99 -1.53 -27.66
N LEU D 79 33.31 -1.03 -26.48
CA LEU D 79 33.66 -1.88 -25.34
C LEU D 79 32.46 -2.23 -24.47
N ASN D 80 31.28 -1.76 -24.90
CA ASN D 80 30.04 -1.89 -24.13
C ASN D 80 30.14 -1.25 -22.72
N TYR D 81 30.66 -0.02 -22.66
CA TYR D 81 30.88 0.68 -21.38
C TYR D 81 29.79 1.71 -21.09
N GLU D 82 29.79 2.26 -19.87
CA GLU D 82 28.75 3.17 -19.41
C GLU D 82 29.18 4.63 -19.37
N LEU D 83 28.20 5.52 -19.27
CA LEU D 83 28.47 6.95 -19.07
C LEU D 83 27.69 7.55 -17.89
N LEU D 84 28.39 8.36 -17.09
CA LEU D 84 27.74 9.16 -16.06
C LEU D 84 27.74 10.60 -16.52
N ILE D 85 26.55 11.13 -16.79
CA ILE D 85 26.39 12.47 -17.28
C ILE D 85 25.93 13.33 -16.11
N VAL D 86 26.82 14.22 -15.69
CA VAL D 86 26.59 15.06 -14.54
C VAL D 86 26.56 16.50 -15.00
N SER D 87 25.53 17.22 -14.56
CA SER D 87 25.42 18.62 -14.94
C SER D 87 26.35 19.49 -14.14
N GLN D 88 27.21 20.22 -14.83
CA GLN D 88 28.19 21.08 -14.17
C GLN D 88 28.15 22.49 -14.71
N PHE D 89 27.49 23.41 -14.00
CA PHE D 89 27.36 24.79 -14.48
C PHE D 89 28.63 25.61 -14.28
N THR D 90 29.53 25.12 -13.45
CA THR D 90 30.78 25.82 -13.18
C THR D 90 31.72 25.82 -14.40
N LEU D 91 31.32 25.17 -15.49
CA LEU D 91 32.16 25.18 -16.68
C LEU D 91 32.26 26.55 -17.34
N PHE D 92 31.20 27.34 -17.22
CA PHE D 92 31.23 28.73 -17.65
C PHE D 92 31.39 29.59 -16.42
N GLY D 93 32.16 29.10 -15.45
CA GLY D 93 32.58 29.92 -14.34
C GLY D 93 33.74 30.77 -14.82
N ASN D 94 33.43 31.96 -15.33
CA ASN D 94 34.45 32.89 -15.81
C ASN D 94 35.27 33.42 -14.63
N THR D 95 36.59 33.34 -14.77
CA THR D 95 37.49 33.65 -13.65
C THR D 95 38.57 34.67 -14.04
N LYS D 96 38.41 35.26 -15.22
CA LYS D 96 39.34 36.29 -15.72
C LYS D 96 39.42 37.43 -14.72
N LYS D 97 38.37 38.24 -14.66
CA LYS D 97 38.42 39.41 -13.81
C LYS D 97 38.12 39.03 -12.34
N GLY D 98 39.16 39.06 -11.53
CA GLY D 98 39.06 38.70 -10.12
C GLY D 98 39.27 37.22 -9.86
N ASN D 99 39.54 36.89 -8.61
CA ASN D 99 39.60 35.49 -8.17
C ASN D 99 38.30 35.12 -7.49
N LYS D 100 37.20 35.54 -8.11
CA LYS D 100 35.86 35.11 -7.71
C LYS D 100 35.08 34.68 -8.96
N PRO D 101 34.58 33.43 -8.94
CA PRO D 101 34.00 32.84 -10.15
C PRO D 101 32.59 33.33 -10.45
N ASP D 102 32.49 34.10 -11.53
CA ASP D 102 31.21 34.56 -12.05
C ASP D 102 30.62 33.45 -12.95
N PHE D 103 29.40 33.01 -12.66
CA PHE D 103 28.75 31.97 -13.47
C PHE D 103 27.68 32.56 -14.38
N HIS D 104 28.07 33.62 -15.09
CA HIS D 104 27.11 34.42 -15.84
C HIS D 104 26.52 33.70 -17.05
N LEU D 105 27.37 33.35 -18.01
CA LEU D 105 26.95 32.86 -19.33
C LEU D 105 26.24 31.50 -19.31
N ALA D 106 26.03 30.95 -18.10
CA ALA D 106 25.38 29.65 -17.93
C ALA D 106 23.87 29.74 -18.11
N LYS D 107 23.31 28.79 -18.86
CA LYS D 107 21.86 28.72 -19.08
C LYS D 107 21.14 28.58 -17.75
N GLU D 108 19.90 29.05 -17.72
CA GLU D 108 19.13 29.22 -16.48
C GLU D 108 18.55 27.87 -16.00
N PRO D 109 18.61 27.61 -14.68
CA PRO D 109 18.13 26.38 -14.03
C PRO D 109 16.97 25.59 -14.71
N ASN D 110 15.80 26.21 -14.88
CA ASN D 110 14.60 25.52 -15.39
C ASN D 110 14.70 25.13 -16.86
N GLU D 111 15.21 26.05 -17.69
CA GLU D 111 15.49 25.75 -19.09
C GLU D 111 16.59 24.70 -19.18
N ALA D 112 17.64 24.92 -18.39
CA ALA D 112 18.76 23.97 -18.26
C ALA D 112 18.26 22.58 -17.89
N LEU D 113 17.51 22.49 -16.79
CA LEU D 113 16.94 21.21 -16.34
C LEU D 113 16.26 20.46 -17.45
N ILE D 114 15.37 21.13 -18.16
CA ILE D 114 14.63 20.46 -19.23
C ILE D 114 15.52 20.14 -20.45
N PHE D 115 16.50 20.99 -20.74
CA PHE D 115 17.41 20.78 -21.85
C PHE D 115 18.31 19.58 -21.58
N TYR D 116 18.86 19.54 -20.37
CA TYR D 116 19.63 18.40 -19.86
C TYR D 116 18.93 17.07 -20.10
N ASN D 117 17.64 17.03 -19.77
CA ASN D 117 16.83 15.82 -19.88
C ASN D 117 16.61 15.44 -21.34
N LYS D 118 16.46 16.43 -22.20
CA LYS D 118 16.33 16.14 -23.62
C LYS D 118 17.59 15.43 -24.10
N ILE D 119 18.75 15.95 -23.71
CA ILE D 119 20.04 15.28 -23.93
C ILE D 119 20.00 13.84 -23.40
N ILE D 120 19.62 13.66 -22.14
CA ILE D 120 19.59 12.33 -21.50
C ILE D 120 18.71 11.33 -22.24
N ASP D 121 17.62 11.83 -22.81
CA ASP D 121 16.74 10.97 -23.61
C ASP D 121 17.51 10.55 -24.83
N GLU D 122 18.04 11.55 -25.55
CA GLU D 122 18.78 11.34 -26.77
C GLU D 122 19.97 10.38 -26.60
N PHE D 123 20.65 10.48 -25.45
CA PHE D 123 21.69 9.54 -25.10
C PHE D 123 21.14 8.13 -25.05
N LYS D 124 20.12 7.90 -24.22
CA LYS D 124 19.51 6.57 -24.14
C LYS D 124 18.98 6.08 -25.50
N LYS D 125 18.59 7.02 -26.37
CA LYS D 125 18.21 6.66 -27.73
C LYS D 125 19.44 6.25 -28.54
N GLN D 126 20.47 7.10 -28.56
CA GLN D 126 21.66 6.84 -29.39
C GLN D 126 22.55 5.68 -28.91
N TYR D 127 22.49 5.36 -27.62
CA TYR D 127 23.20 4.21 -27.10
C TYR D 127 22.13 3.25 -26.65
N ASN D 128 21.99 3.11 -25.34
CA ASN D 128 21.14 2.10 -24.71
C ASN D 128 20.69 2.58 -23.33
N ASP D 129 19.47 2.23 -22.94
CA ASP D 129 18.85 2.78 -21.73
C ASP D 129 19.67 2.52 -20.45
N ASP D 130 20.37 1.40 -20.40
CA ASP D 130 21.09 0.96 -19.20
C ASP D 130 22.48 1.51 -19.01
N LYS D 131 23.13 1.84 -20.12
CA LYS D 131 24.50 2.29 -20.10
C LYS D 131 24.59 3.76 -19.75
N ILE D 132 23.44 4.40 -19.61
CA ILE D 132 23.35 5.82 -19.24
C ILE D 132 22.89 6.04 -17.80
N LYS D 133 23.82 6.46 -16.95
CA LYS D 133 23.52 6.90 -15.57
C LYS D 133 23.64 8.41 -15.47
N ILE D 134 22.95 9.01 -14.51
CA ILE D 134 22.92 10.46 -14.33
C ILE D 134 23.08 10.83 -12.85
N GLY D 135 23.28 12.11 -12.59
CA GLY D 135 23.26 12.61 -11.21
C GLY D 135 21.98 13.37 -10.92
N LYS D 136 21.81 13.83 -9.68
CA LYS D 136 20.68 14.69 -9.36
C LYS D 136 21.01 16.14 -9.73
N PHE D 137 20.40 16.60 -10.83
CA PHE D 137 20.54 17.95 -11.37
C PHE D 137 20.35 19.00 -10.28
N GLY D 138 21.17 20.04 -10.30
CA GLY D 138 21.00 21.13 -9.35
C GLY D 138 21.17 20.76 -7.88
N ASN D 139 21.73 19.60 -7.61
CA ASN D 139 21.93 19.14 -6.24
C ASN D 139 23.40 18.94 -5.88
N TYR D 140 23.77 19.21 -4.63
CA TYR D 140 25.09 18.84 -4.16
C TYR D 140 25.27 17.31 -4.20
N MET D 141 26.18 16.88 -5.08
CA MET D 141 26.57 15.48 -5.22
C MET D 141 28.02 15.30 -4.79
N ASN D 142 28.27 14.15 -4.19
CA ASN D 142 29.61 13.68 -3.85
C ASN D 142 29.90 12.60 -4.86
N ILE D 143 30.95 12.77 -5.66
CA ILE D 143 31.30 11.75 -6.66
C ILE D 143 32.68 11.14 -6.49
N ASP D 144 32.71 9.84 -6.20
CA ASP D 144 33.95 9.08 -6.14
C ASP D 144 34.29 8.53 -7.52
N VAL D 145 35.41 8.96 -8.07
CA VAL D 145 35.73 8.67 -9.46
C VAL D 145 37.12 8.04 -9.55
N THR D 146 37.22 6.87 -10.17
CA THR D 146 38.52 6.28 -10.48
C THR D 146 38.99 6.76 -11.85
N ASN D 147 39.88 7.73 -11.88
CA ASN D 147 40.39 8.18 -13.16
C ASN D 147 41.34 7.14 -13.75
N ASP D 148 41.06 6.71 -14.96
CA ASP D 148 41.87 5.67 -15.55
C ASP D 148 42.83 6.25 -16.57
N GLY D 149 43.89 6.87 -16.09
CA GLY D 149 44.83 7.47 -17.00
C GLY D 149 45.82 8.30 -16.25
N PRO D 150 45.42 9.53 -15.87
CA PRO D 150 44.07 10.00 -16.23
C PRO D 150 43.96 10.30 -17.69
N VAL D 151 42.74 10.31 -18.21
CA VAL D 151 42.46 10.90 -19.52
C VAL D 151 41.30 11.89 -19.32
N THR D 152 41.60 13.18 -19.46
CA THR D 152 40.60 14.23 -19.43
C THR D 152 40.53 14.87 -20.82
N ILE D 153 39.33 14.88 -21.39
CA ILE D 153 39.14 15.58 -22.64
C ILE D 153 38.34 16.86 -22.43
N TYR D 154 38.56 17.83 -23.32
CA TYR D 154 37.78 19.07 -23.33
C TYR D 154 37.16 19.43 -24.70
N ILE D 155 35.91 19.86 -24.67
CA ILE D 155 35.20 20.27 -25.87
C ILE D 155 34.29 21.45 -25.59
N ASP D 156 34.51 22.57 -26.27
CA ASP D 156 33.57 23.68 -26.21
C ASP D 156 32.97 23.78 -27.59
N THR D 157 31.65 23.61 -27.69
CA THR D 157 30.97 23.60 -28.97
C THR D 157 30.92 25.00 -29.62
N HIS D 158 31.23 26.02 -28.83
CA HIS D 158 31.50 27.35 -29.38
C HIS D 158 32.97 27.47 -29.77
N ASP D 159 33.38 26.70 -30.79
CA ASP D 159 34.78 26.64 -31.24
C ASP D 159 34.88 26.23 -32.71
N MET E 1 -36.92 -27.28 32.70
CA MET E 1 -36.55 -27.41 31.26
C MET E 1 -37.08 -26.22 30.46
N ARG E 2 -36.39 -25.92 29.35
CA ARG E 2 -36.78 -24.81 28.51
C ARG E 2 -36.89 -25.18 27.06
N VAL E 3 -37.85 -24.55 26.37
CA VAL E 3 -38.09 -24.83 24.95
C VAL E 3 -38.51 -23.59 24.18
N VAL E 4 -37.84 -23.35 23.07
CA VAL E 4 -38.35 -22.42 22.08
C VAL E 4 -38.85 -23.24 20.91
N ILE E 5 -40.11 -23.03 20.58
CA ILE E 5 -40.76 -23.73 19.51
C ILE E 5 -41.06 -22.69 18.47
N GLN E 6 -40.58 -22.93 17.26
CA GLN E 6 -40.92 -22.10 16.13
C GLN E 6 -41.56 -22.92 15.01
N ARG E 7 -42.64 -22.36 14.46
CA ARG E 7 -43.38 -22.95 13.35
C ARG E 7 -42.63 -22.72 12.03
N VAL E 8 -42.31 -23.83 11.36
CA VAL E 8 -41.49 -23.86 10.15
C VAL E 8 -42.25 -24.38 8.92
N LYS E 9 -41.91 -23.83 7.75
CA LYS E 9 -42.34 -24.42 6.48
C LYS E 9 -41.31 -25.45 6.01
N GLY E 10 -40.14 -25.42 6.62
CA GLY E 10 -39.04 -26.32 6.30
C GLY E 10 -37.84 -25.99 7.17
N ALA E 11 -36.84 -26.87 7.13
CA ALA E 11 -35.57 -26.68 7.83
C ALA E 11 -34.50 -27.68 7.39
N ILE E 12 -33.50 -27.19 6.66
CA ILE E 12 -32.28 -27.94 6.37
C ILE E 12 -31.40 -27.83 7.60
N LEU E 13 -30.70 -28.90 7.94
CA LEU E 13 -29.81 -28.93 9.11
C LEU E 13 -28.43 -29.48 8.72
N SER E 14 -27.42 -28.63 8.75
CA SER E 14 -26.06 -29.00 8.30
C SER E 14 -25.03 -28.84 9.41
N VAL E 15 -24.11 -29.81 9.55
CA VAL E 15 -22.99 -29.67 10.50
C VAL E 15 -21.69 -29.16 9.85
N GLU E 28 -22.26 -29.37 5.94
CA GLU E 28 -22.88 -30.42 5.12
C GLU E 28 -24.20 -31.00 5.70
N ILE E 29 -25.22 -31.10 4.84
CA ILE E 29 -26.59 -31.53 5.17
C ILE E 29 -26.60 -32.77 6.07
N ILE E 30 -27.46 -32.77 7.08
CA ILE E 30 -27.65 -33.96 7.93
C ILE E 30 -29.15 -34.29 8.09
N SER E 31 -29.88 -33.50 8.87
CA SER E 31 -31.34 -33.65 9.02
C SER E 31 -32.08 -32.71 8.11
N GLU E 32 -33.36 -32.98 7.90
CA GLU E 32 -34.24 -32.09 7.13
C GLU E 32 -35.70 -32.38 7.39
N ILE E 33 -36.50 -31.31 7.50
CA ILE E 33 -37.94 -31.42 7.60
C ILE E 33 -38.65 -30.45 6.64
N LYS E 34 -39.96 -30.61 6.48
CA LYS E 34 -40.78 -29.69 5.68
C LYS E 34 -41.60 -28.87 6.65
N ASN E 35 -42.93 -29.01 6.61
CA ASN E 35 -43.81 -28.35 7.58
C ASN E 35 -43.68 -29.01 8.95
N GLY E 36 -43.69 -28.17 9.99
CA GLY E 36 -43.65 -28.69 11.36
C GLY E 36 -43.12 -27.74 12.40
N LEU E 37 -42.20 -28.24 13.23
CA LEU E 37 -41.68 -27.49 14.36
C LEU E 37 -40.19 -27.68 14.62
N ILE E 38 -39.48 -26.56 14.75
CA ILE E 38 -38.14 -26.63 15.30
C ILE E 38 -38.27 -26.37 16.80
N CYS E 39 -37.76 -27.29 17.57
CA CYS E 39 -37.86 -27.19 19.02
C CYS E 39 -36.47 -27.10 19.58
N PHE E 40 -36.16 -25.98 20.23
CA PHE E 40 -34.88 -25.81 20.88
C PHE E 40 -35.11 -26.14 22.33
N LEU E 41 -34.41 -27.17 22.79
CA LEU E 41 -34.65 -27.75 24.09
C LEU E 41 -33.46 -27.50 25.00
N GLY E 42 -33.67 -26.64 26.00
CA GLY E 42 -32.71 -26.37 27.05
C GLY E 42 -32.93 -27.27 28.25
N ILE E 43 -31.85 -27.85 28.75
CA ILE E 43 -31.92 -28.96 29.70
C ILE E 43 -31.30 -28.59 31.05
N HIS E 44 -32.11 -28.00 31.94
CA HIS E 44 -31.71 -27.60 33.31
C HIS E 44 -31.07 -28.78 34.04
N LYS E 45 -30.13 -28.50 34.93
CA LYS E 45 -29.42 -29.56 35.66
C LYS E 45 -30.29 -30.26 36.71
N ASN E 46 -31.32 -29.56 37.18
CA ASN E 46 -32.32 -30.10 38.14
C ASN E 46 -33.54 -30.71 37.44
N ASP E 47 -33.48 -30.81 36.12
CA ASP E 47 -34.59 -31.33 35.34
C ASP E 47 -34.90 -32.75 35.74
N THR E 48 -36.18 -33.00 36.03
CA THR E 48 -36.69 -34.35 36.26
C THR E 48 -37.28 -34.85 34.95
N TRP E 49 -37.65 -36.13 34.88
CA TRP E 49 -38.34 -36.65 33.69
C TRP E 49 -39.70 -35.97 33.51
N GLU E 50 -40.24 -35.45 34.62
CA GLU E 50 -41.49 -34.66 34.65
C GLU E 50 -41.47 -33.55 33.60
N ASP E 51 -40.51 -32.64 33.78
CA ASP E 51 -40.30 -31.52 32.89
C ASP E 51 -40.14 -32.03 31.46
N ALA E 52 -39.19 -32.95 31.25
CA ALA E 52 -38.98 -33.56 29.93
C ALA E 52 -40.33 -33.87 29.30
N LEU E 53 -41.15 -34.59 30.05
CA LEU E 53 -42.41 -35.08 29.55
C LEU E 53 -43.41 -33.99 29.31
N TYR E 54 -43.48 -33.02 30.23
CA TYR E 54 -44.31 -31.82 30.04
C TYR E 54 -43.97 -31.16 28.72
N ILE E 55 -42.68 -30.96 28.47
CA ILE E 55 -42.18 -30.42 27.20
C ILE E 55 -42.64 -31.30 26.06
N ILE E 56 -42.31 -32.60 26.14
CA ILE E 56 -42.71 -33.55 25.11
C ILE E 56 -44.20 -33.40 24.79
N ARG E 57 -45.03 -33.46 25.83
CA ARG E 57 -46.47 -33.37 25.70
C ARG E 57 -46.87 -32.10 24.96
N LYS E 58 -46.36 -30.97 25.45
CA LYS E 58 -46.69 -29.65 24.93
C LYS E 58 -46.31 -29.44 23.48
N CYS E 59 -45.15 -29.97 23.08
CA CYS E 59 -44.70 -29.83 21.71
C CYS E 59 -45.69 -30.50 20.75
N LEU E 60 -45.96 -31.77 21.01
CA LEU E 60 -46.82 -32.58 20.15
C LEU E 60 -48.25 -32.08 20.07
N ASN E 61 -48.73 -31.48 21.16
CA ASN E 61 -50.15 -31.22 21.28
C ASN E 61 -50.59 -29.76 21.20
N LEU E 62 -49.64 -28.84 21.17
CA LEU E 62 -49.96 -27.41 21.09
C LEU E 62 -50.61 -27.03 19.77
N ARG E 63 -51.81 -26.45 19.88
CA ARG E 63 -52.67 -26.14 18.75
C ARG E 63 -52.23 -24.84 18.08
N LEU E 64 -51.40 -24.97 17.04
CA LEU E 64 -50.66 -23.81 16.47
C LEU E 64 -50.97 -23.51 15.00
N TRP E 65 -51.61 -24.47 14.32
CA TRP E 65 -51.99 -24.29 12.92
C TRP E 65 -53.48 -24.03 12.76
N ASN E 66 -53.80 -23.01 11.98
CA ASN E 66 -55.17 -22.55 11.87
C ASN E 66 -55.96 -23.48 10.97
N ASN E 67 -56.96 -24.14 11.54
CA ASN E 67 -57.84 -25.02 10.75
C ASN E 67 -58.91 -24.28 9.93
N ASP E 68 -58.52 -23.93 8.71
CA ASP E 68 -59.29 -23.09 7.75
C ASP E 68 -60.59 -22.46 8.27
N ASN E 69 -60.45 -21.68 9.32
CA ASN E 69 -61.57 -21.09 10.03
C ASN E 69 -61.01 -20.53 11.31
N LYS E 70 -60.83 -21.42 12.28
CA LYS E 70 -60.41 -21.03 13.64
C LYS E 70 -58.91 -20.98 13.76
N THR E 71 -58.44 -19.83 14.22
CA THR E 71 -57.04 -19.63 14.61
C THR E 71 -56.72 -20.57 15.79
N TRP E 72 -55.51 -21.13 15.78
CA TRP E 72 -54.96 -21.94 16.87
C TRP E 72 -55.81 -23.18 17.17
N ASP E 73 -56.10 -23.95 16.12
CA ASP E 73 -57.06 -25.06 16.18
C ASP E 73 -56.39 -26.45 16.18
N LYS E 74 -55.63 -26.75 15.13
CA LYS E 74 -55.03 -28.09 14.93
C LYS E 74 -53.53 -28.11 15.21
N ASN E 75 -53.02 -29.28 15.58
CA ASN E 75 -51.60 -29.39 15.92
C ASN E 75 -50.73 -30.28 15.02
N VAL E 76 -49.57 -30.63 15.55
CA VAL E 76 -48.50 -31.26 14.79
C VAL E 76 -48.90 -32.63 14.27
N LYS E 77 -49.47 -33.43 15.17
CA LYS E 77 -49.92 -34.78 14.85
C LYS E 77 -51.13 -34.72 13.92
N ASP E 78 -52.12 -33.92 14.30
CA ASP E 78 -53.33 -33.69 13.49
C ASP E 78 -53.04 -33.55 12.00
N LEU E 79 -52.03 -32.78 11.65
CA LEU E 79 -51.76 -32.47 10.25
C LEU E 79 -50.60 -33.32 9.75
N ASN E 80 -50.19 -34.26 10.60
CA ASN E 80 -49.11 -35.18 10.30
C ASN E 80 -47.85 -34.47 9.83
N TYR E 81 -47.21 -33.81 10.79
CA TYR E 81 -45.99 -33.04 10.48
C TYR E 81 -44.77 -33.53 11.22
N GLU E 82 -43.66 -32.84 11.00
CA GLU E 82 -42.38 -33.23 11.57
C GLU E 82 -41.98 -32.25 12.67
N LEU E 83 -41.23 -32.76 13.65
CA LEU E 83 -40.63 -31.92 14.68
C LEU E 83 -39.12 -32.07 14.66
N LEU E 84 -38.45 -30.94 14.47
CA LEU E 84 -37.00 -30.89 14.62
C LEU E 84 -36.65 -30.54 16.06
N ILE E 85 -35.75 -31.30 16.65
CA ILE E 85 -35.45 -31.17 18.06
C ILE E 85 -33.95 -30.91 18.22
N VAL E 86 -33.62 -29.81 18.89
CA VAL E 86 -32.23 -29.31 18.92
C VAL E 86 -31.83 -28.94 20.35
N SER E 87 -30.78 -29.57 20.89
CA SER E 87 -30.35 -29.20 22.22
C SER E 87 -29.77 -27.80 22.22
N GLN E 88 -30.14 -27.03 23.25
CA GLN E 88 -29.73 -25.63 23.33
C GLN E 88 -29.42 -25.18 24.76
N PHE E 89 -28.23 -25.54 25.24
CA PHE E 89 -27.83 -25.15 26.60
C PHE E 89 -27.79 -23.63 26.74
N THR E 90 -27.78 -22.94 25.60
CA THR E 90 -27.74 -21.47 25.57
C THR E 90 -29.03 -20.86 26.08
N LEU E 91 -30.10 -21.65 26.11
CA LEU E 91 -31.35 -21.21 26.70
C LEU E 91 -31.21 -20.90 28.18
N PHE E 92 -30.19 -21.50 28.81
CA PHE E 92 -29.91 -21.25 30.22
C PHE E 92 -28.79 -20.21 30.43
N GLY E 93 -28.65 -19.33 29.44
CA GLY E 93 -27.71 -18.22 29.52
C GLY E 93 -28.22 -17.28 30.56
N ASN E 94 -27.37 -16.90 31.49
CA ASN E 94 -27.74 -15.93 32.50
C ASN E 94 -27.28 -14.53 32.09
N THR E 95 -28.24 -13.69 31.72
CA THR E 95 -27.95 -12.33 31.27
C THR E 95 -28.16 -11.29 32.39
N LYS E 96 -28.73 -11.75 33.50
CA LYS E 96 -28.80 -10.98 34.76
C LYS E 96 -27.37 -10.62 35.21
N LYS E 97 -26.49 -11.63 35.25
CA LYS E 97 -25.12 -11.49 35.70
C LYS E 97 -24.36 -10.40 34.91
N GLY E 98 -24.66 -10.29 33.62
CA GLY E 98 -24.05 -9.26 32.77
C GLY E 98 -24.17 -9.49 31.26
N ASN E 99 -23.11 -9.15 30.54
CA ASN E 99 -23.12 -9.22 29.07
C ASN E 99 -22.43 -10.45 28.46
N LYS E 100 -21.52 -11.05 29.23
CA LYS E 100 -20.96 -12.35 28.93
C LYS E 100 -21.83 -13.37 29.66
N PRO E 101 -22.70 -14.08 28.91
CA PRO E 101 -23.61 -14.98 29.58
C PRO E 101 -22.87 -16.13 30.26
N ASP E 102 -23.41 -16.65 31.36
CA ASP E 102 -22.88 -17.89 31.93
C ASP E 102 -23.98 -18.93 31.91
N PHE E 103 -23.60 -20.21 31.88
CA PHE E 103 -24.54 -21.30 31.64
C PHE E 103 -24.55 -22.34 32.75
N HIS E 104 -24.21 -21.91 33.97
CA HIS E 104 -24.08 -22.83 35.13
C HIS E 104 -25.32 -23.68 35.34
N LEU E 105 -26.49 -23.07 35.16
CA LEU E 105 -27.78 -23.68 35.47
C LEU E 105 -28.24 -24.76 34.47
N ALA E 106 -27.45 -25.00 33.41
CA ALA E 106 -27.80 -25.99 32.38
C ALA E 106 -27.09 -27.30 32.60
N LYS E 107 -27.83 -28.40 32.50
CA LYS E 107 -27.27 -29.73 32.71
C LYS E 107 -26.02 -29.93 31.87
N GLU E 108 -24.97 -30.40 32.53
CA GLU E 108 -23.66 -30.67 31.95
C GLU E 108 -23.80 -31.57 30.72
N PRO E 109 -23.07 -31.25 29.61
CA PRO E 109 -23.29 -31.84 28.28
C PRO E 109 -23.64 -33.33 28.27
N ASN E 110 -22.97 -34.11 29.12
CA ASN E 110 -23.03 -35.56 29.04
C ASN E 110 -24.24 -36.21 29.71
N GLU E 111 -24.67 -35.64 30.84
CA GLU E 111 -25.94 -36.03 31.46
C GLU E 111 -27.10 -35.50 30.61
N ALA E 112 -26.88 -34.35 29.98
CA ALA E 112 -27.83 -33.85 29.00
C ALA E 112 -27.89 -34.80 27.78
N LEU E 113 -26.73 -35.29 27.33
CA LEU E 113 -26.65 -36.22 26.18
C LEU E 113 -27.45 -37.50 26.41
N ILE E 114 -27.31 -38.09 27.60
CA ILE E 114 -28.19 -39.18 28.00
C ILE E 114 -29.63 -38.66 27.92
N PHE E 115 -29.92 -37.61 28.71
CA PHE E 115 -31.27 -37.07 28.88
C PHE E 115 -31.96 -36.71 27.56
N TYR E 116 -31.18 -36.16 26.63
CA TYR E 116 -31.66 -35.80 25.30
C TYR E 116 -32.22 -37.04 24.59
N ASN E 117 -31.45 -38.13 24.62
CA ASN E 117 -31.79 -39.38 23.95
C ASN E 117 -33.11 -39.95 24.39
N LYS E 118 -33.24 -40.17 25.70
CA LYS E 118 -34.49 -40.64 26.30
C LYS E 118 -35.70 -39.81 25.84
N ILE E 119 -35.48 -38.52 25.61
CA ILE E 119 -36.54 -37.60 25.16
C ILE E 119 -36.88 -37.84 23.70
N ILE E 120 -35.87 -37.87 22.84
CA ILE E 120 -36.04 -38.20 21.41
C ILE E 120 -36.93 -39.44 21.23
N ASP E 121 -36.59 -40.53 21.94
CA ASP E 121 -37.30 -41.80 21.83
C ASP E 121 -38.74 -41.69 22.30
N GLU E 122 -38.95 -41.02 23.44
CA GLU E 122 -40.29 -40.82 23.98
C GLU E 122 -41.16 -39.99 23.01
N PHE E 123 -40.55 -38.99 22.38
CA PHE E 123 -41.19 -38.23 21.30
C PHE E 123 -41.72 -39.15 20.20
N LYS E 124 -40.92 -40.15 19.81
CA LYS E 124 -41.30 -41.13 18.80
C LYS E 124 -42.38 -42.07 19.33
N LYS E 125 -42.20 -42.50 20.58
CA LYS E 125 -43.12 -43.39 21.28
C LYS E 125 -44.51 -42.77 21.43
N GLN E 126 -44.54 -41.44 21.59
CA GLN E 126 -45.79 -40.69 21.74
C GLN E 126 -46.38 -40.26 20.40
N TYR E 127 -45.57 -40.28 19.35
CA TYR E 127 -46.03 -39.86 18.02
C TYR E 127 -45.67 -40.87 16.93
N ASN E 128 -44.47 -40.76 16.35
CA ASN E 128 -44.14 -41.55 15.17
C ASN E 128 -42.75 -41.26 14.66
N ASP E 129 -41.92 -42.30 14.61
CA ASP E 129 -40.49 -42.15 14.33
C ASP E 129 -40.15 -41.39 13.04
N ASP E 130 -41.04 -41.45 12.05
CA ASP E 130 -40.84 -40.78 10.77
C ASP E 130 -40.73 -39.27 10.93
N LYS E 131 -41.53 -38.72 11.84
CA LYS E 131 -41.74 -37.27 11.94
C LYS E 131 -40.92 -36.55 13.05
N ILE E 132 -39.79 -37.16 13.44
CA ILE E 132 -38.95 -36.63 14.51
C ILE E 132 -37.47 -36.66 14.12
N LYS E 133 -37.04 -35.67 13.35
CA LYS E 133 -35.63 -35.51 13.00
C LYS E 133 -34.90 -34.83 14.16
N ILE E 134 -33.57 -35.02 14.20
CA ILE E 134 -32.73 -34.50 15.29
C ILE E 134 -31.52 -33.68 14.82
N GLY E 135 -30.66 -33.28 15.76
CA GLY E 135 -29.38 -32.64 15.44
C GLY E 135 -28.26 -33.21 16.30
N LYS E 136 -27.03 -33.14 15.79
CA LYS E 136 -25.86 -33.74 16.49
C LYS E 136 -25.40 -32.96 17.74
N PHE E 137 -25.83 -33.44 18.90
CA PHE E 137 -25.60 -32.78 20.20
C PHE E 137 -24.30 -31.99 20.28
N GLY E 138 -23.18 -32.69 20.16
CA GLY E 138 -21.87 -32.08 20.32
C GLY E 138 -21.55 -30.94 19.36
N ASN E 139 -21.57 -31.24 18.07
CA ASN E 139 -21.02 -30.34 17.03
C ASN E 139 -21.77 -29.05 16.73
N TYR E 140 -21.01 -28.06 16.28
CA TYR E 140 -21.56 -26.87 15.64
C TYR E 140 -22.52 -27.30 14.53
N MET E 141 -23.70 -26.73 14.53
CA MET E 141 -24.69 -26.95 13.48
C MET E 141 -25.13 -25.62 12.84
N ASN E 142 -25.23 -25.63 11.52
CA ASN E 142 -25.86 -24.56 10.75
C ASN E 142 -27.28 -25.02 10.43
N ILE E 143 -28.29 -24.23 10.81
CA ILE E 143 -29.68 -24.60 10.55
C ILE E 143 -30.47 -23.52 9.82
N ASP E 144 -30.69 -23.76 8.53
CA ASP E 144 -31.54 -22.91 7.71
C ASP E 144 -32.99 -23.23 8.02
N VAL E 145 -33.69 -22.26 8.59
CA VAL E 145 -35.05 -22.44 9.06
C VAL E 145 -35.94 -21.47 8.30
N THR E 146 -37.12 -21.94 7.86
CA THR E 146 -38.11 -21.06 7.22
C THR E 146 -39.24 -20.76 8.18
N ASN E 147 -39.34 -19.51 8.62
CA ASN E 147 -40.30 -19.17 9.64
C ASN E 147 -41.68 -18.88 9.07
N ASP E 148 -42.65 -19.60 9.61
CA ASP E 148 -44.03 -19.52 9.20
C ASP E 148 -44.81 -18.59 10.15
N GLY E 149 -44.86 -17.31 9.80
CA GLY E 149 -45.62 -16.31 10.55
C GLY E 149 -44.84 -15.05 10.88
N PRO E 150 -43.82 -15.18 11.73
CA PRO E 150 -43.38 -16.46 12.28
C PRO E 150 -44.21 -16.83 13.50
N VAL E 151 -43.90 -17.97 14.09
CA VAL E 151 -44.55 -18.41 15.31
C VAL E 151 -43.49 -18.85 16.32
N THR E 152 -43.39 -18.14 17.44
CA THR E 152 -42.48 -18.55 18.50
C THR E 152 -43.16 -18.74 19.84
N ILE E 153 -43.01 -19.95 20.37
CA ILE E 153 -43.53 -20.27 21.68
C ILE E 153 -42.36 -20.49 22.62
N TYR E 154 -42.48 -19.95 23.83
CA TYR E 154 -41.53 -20.24 24.87
C TYR E 154 -42.21 -20.83 26.09
N ILE E 155 -41.73 -22.01 26.51
CA ILE E 155 -42.19 -22.66 27.74
C ILE E 155 -41.01 -22.86 28.69
N ASP E 156 -41.26 -22.68 30.00
CA ASP E 156 -40.29 -22.95 31.08
C ASP E 156 -40.90 -23.76 32.25
N THR E 157 -40.87 -25.09 32.15
CA THR E 157 -41.49 -26.00 33.13
C THR E 157 -41.41 -25.52 34.57
N HIS E 158 -40.29 -24.90 34.92
CA HIS E 158 -40.10 -24.32 36.26
C HIS E 158 -40.95 -23.03 36.38
N ASP E 159 -42.27 -23.17 36.25
CA ASP E 159 -43.24 -22.05 36.26
C ASP E 159 -44.61 -22.44 36.86
N MET F 1 -41.73 -7.40 28.92
CA MET F 1 -41.13 -7.65 27.57
C MET F 1 -40.31 -8.94 27.55
N ARG F 2 -40.47 -9.71 26.48
CA ARG F 2 -39.66 -10.89 26.30
C ARG F 2 -39.04 -10.85 24.93
N VAL F 3 -37.80 -11.26 24.84
CA VAL F 3 -37.17 -11.35 23.54
C VAL F 3 -36.55 -12.73 23.39
N VAL F 4 -36.72 -13.32 22.21
CA VAL F 4 -35.92 -14.44 21.74
C VAL F 4 -34.86 -13.90 20.78
N ILE F 5 -33.61 -14.22 21.09
CA ILE F 5 -32.48 -13.74 20.29
C ILE F 5 -31.80 -14.93 19.63
N GLN F 6 -31.72 -14.91 18.31
CA GLN F 6 -31.00 -15.97 17.62
C GLN F 6 -29.84 -15.44 16.82
N ARG F 7 -28.71 -16.16 16.89
CA ARG F 7 -27.51 -15.76 16.21
C ARG F 7 -27.56 -16.23 14.77
N VAL F 8 -27.37 -15.30 13.84
CA VAL F 8 -27.58 -15.61 12.43
C VAL F 8 -26.43 -15.17 11.54
N LYS F 9 -26.16 -15.98 10.51
CA LYS F 9 -25.14 -15.66 9.54
C LYS F 9 -25.81 -14.89 8.46
N GLY F 10 -27.14 -14.97 8.44
CA GLY F 10 -27.98 -14.18 7.54
C GLY F 10 -29.46 -14.42 7.77
N ALA F 11 -30.27 -13.41 7.44
CA ALA F 11 -31.72 -13.60 7.42
C ALA F 11 -32.41 -12.84 6.29
N ILE F 12 -33.42 -13.51 5.74
CA ILE F 12 -34.29 -12.99 4.68
C ILE F 12 -35.78 -13.08 5.09
N LEU F 13 -36.47 -11.95 5.02
CA LEU F 13 -37.84 -11.80 5.52
C LEU F 13 -38.82 -11.48 4.39
N SER F 14 -39.88 -12.28 4.28
CA SER F 14 -40.92 -12.09 3.24
C SER F 14 -42.31 -11.65 3.78
N VAL F 15 -43.29 -11.53 2.87
CA VAL F 15 -44.66 -11.10 3.21
C VAL F 15 -45.72 -12.10 2.74
N LEU F 27 -44.91 -14.67 -2.21
CA LEU F 27 -43.92 -14.13 -1.27
C LEU F 27 -42.95 -13.14 -1.92
N GLU F 28 -42.51 -12.17 -1.12
CA GLU F 28 -41.64 -11.10 -1.61
C GLU F 28 -40.71 -10.56 -0.50
N ILE F 29 -39.41 -10.54 -0.78
CA ILE F 29 -38.38 -9.90 0.08
C ILE F 29 -38.71 -8.43 0.43
N ILE F 30 -38.52 -8.04 1.69
CA ILE F 30 -38.67 -6.64 2.10
C ILE F 30 -37.52 -6.19 3.02
N SER F 31 -36.88 -7.18 3.66
CA SER F 31 -35.74 -6.98 4.56
C SER F 31 -34.81 -8.19 4.62
N GLU F 32 -33.54 -7.90 4.91
CA GLU F 32 -32.48 -8.87 4.80
C GLU F 32 -31.29 -8.42 5.62
N ILE F 33 -30.67 -9.36 6.33
CA ILE F 33 -29.43 -9.08 7.04
C ILE F 33 -28.40 -10.14 6.71
N LYS F 34 -27.13 -9.83 7.00
CA LYS F 34 -26.06 -10.82 6.90
C LYS F 34 -25.68 -11.36 8.29
N ASN F 35 -24.43 -11.22 8.73
CA ASN F 35 -24.07 -11.66 10.08
C ASN F 35 -24.73 -10.78 11.16
N GLY F 36 -25.23 -11.40 12.23
CA GLY F 36 -25.85 -10.63 13.30
C GLY F 36 -26.89 -11.38 14.11
N LEU F 37 -27.89 -10.62 14.57
CA LEU F 37 -28.95 -11.18 15.41
C LEU F 37 -30.31 -10.99 14.78
N ILE F 38 -31.11 -12.06 14.77
CA ILE F 38 -32.56 -11.91 14.62
C ILE F 38 -33.20 -11.87 16.00
N CYS F 39 -34.18 -10.97 16.13
CA CYS F 39 -34.84 -10.72 17.41
C CYS F 39 -36.35 -10.85 17.37
N PHE F 40 -36.82 -11.86 18.09
CA PHE F 40 -38.23 -12.09 18.24
C PHE F 40 -38.69 -11.47 19.53
N LEU F 41 -39.43 -10.38 19.39
CA LEU F 41 -39.78 -9.52 20.50
C LEU F 41 -41.28 -9.52 20.77
N GLY F 42 -41.61 -9.70 22.06
CA GLY F 42 -43.00 -9.66 22.49
C GLY F 42 -43.18 -8.53 23.49
N ILE F 43 -44.07 -7.61 23.17
CA ILE F 43 -44.40 -6.55 24.09
C ILE F 43 -45.51 -7.03 25.01
N HIS F 44 -45.36 -6.76 26.31
CA HIS F 44 -46.37 -7.09 27.34
C HIS F 44 -47.32 -5.90 27.60
N LYS F 45 -48.56 -6.20 28.00
CA LYS F 45 -49.55 -5.17 28.29
C LYS F 45 -49.02 -4.06 29.20
N ASN F 46 -48.11 -4.43 30.11
CA ASN F 46 -47.61 -3.53 31.17
C ASN F 46 -46.13 -3.14 31.09
N ASP F 47 -45.54 -3.20 29.89
CA ASP F 47 -44.15 -2.82 29.69
C ASP F 47 -44.00 -1.30 29.71
N THR F 48 -43.02 -0.80 30.47
CA THR F 48 -42.67 0.62 30.49
C THR F 48 -41.57 0.92 29.45
N TRP F 49 -40.94 2.09 29.51
CA TRP F 49 -39.77 2.35 28.67
C TRP F 49 -38.52 1.65 29.26
N GLU F 50 -38.57 1.27 30.55
CA GLU F 50 -37.47 0.55 31.22
C GLU F 50 -37.37 -0.84 30.64
N ASP F 51 -38.52 -1.49 30.43
CA ASP F 51 -38.54 -2.82 29.84
C ASP F 51 -37.91 -2.75 28.46
N ALA F 52 -38.39 -1.81 27.66
CA ALA F 52 -37.86 -1.60 26.32
C ALA F 52 -36.36 -1.42 26.43
N LEU F 53 -35.93 -0.36 27.14
CA LEU F 53 -34.51 -0.05 27.31
C LEU F 53 -33.64 -1.21 27.81
N TYR F 54 -34.14 -2.03 28.73
CA TYR F 54 -33.38 -3.21 29.15
C TYR F 54 -33.20 -4.17 27.97
N ILE F 55 -34.28 -4.38 27.22
CA ILE F 55 -34.24 -5.28 26.08
C ILE F 55 -33.20 -4.77 25.08
N ILE F 56 -33.38 -3.51 24.67
CA ILE F 56 -32.50 -2.87 23.70
C ILE F 56 -31.05 -2.91 24.21
N ARG F 57 -30.82 -2.42 25.43
CA ARG F 57 -29.51 -2.51 26.07
C ARG F 57 -28.89 -3.90 25.90
N LYS F 58 -29.63 -4.94 26.28
CA LYS F 58 -29.16 -6.33 26.24
C LYS F 58 -28.87 -6.89 24.85
N CYS F 59 -29.69 -6.49 23.86
CA CYS F 59 -29.54 -7.00 22.51
C CYS F 59 -28.24 -6.49 21.91
N LEU F 60 -27.98 -5.21 22.11
CA LEU F 60 -26.83 -4.55 21.51
C LEU F 60 -25.56 -4.85 22.26
N ASN F 61 -25.67 -5.41 23.46
CA ASN F 61 -24.48 -5.56 24.30
C ASN F 61 -24.15 -6.98 24.74
N LEU F 62 -25.06 -7.92 24.53
CA LEU F 62 -24.79 -9.33 24.82
C LEU F 62 -23.65 -9.84 23.97
N ARG F 63 -22.73 -10.55 24.62
CA ARG F 63 -21.50 -10.99 23.97
C ARG F 63 -21.65 -12.43 23.53
N LEU F 64 -22.20 -12.55 22.32
CA LEU F 64 -22.65 -13.83 21.82
C LEU F 64 -21.72 -14.52 20.80
N TRP F 65 -20.58 -13.91 20.49
CA TRP F 65 -19.65 -14.60 19.62
C TRP F 65 -18.33 -14.87 20.28
N ASN F 66 -17.66 -15.92 19.81
CA ASN F 66 -16.29 -16.18 20.22
C ASN F 66 -15.37 -15.24 19.47
N ASN F 67 -14.18 -15.02 20.01
CA ASN F 67 -13.20 -14.13 19.42
C ASN F 67 -11.79 -14.64 19.70
N ASP F 68 -11.08 -14.97 18.62
CA ASP F 68 -9.95 -15.90 18.63
C ASP F 68 -10.10 -17.03 19.68
N ASN F 69 -9.07 -17.20 20.52
CA ASN F 69 -9.09 -18.10 21.67
C ASN F 69 -10.41 -17.97 22.48
N LYS F 70 -10.71 -16.74 22.91
CA LYS F 70 -11.81 -16.40 23.83
C LYS F 70 -13.23 -16.73 23.32
N THR F 71 -14.15 -17.02 24.25
CA THR F 71 -15.56 -17.35 23.94
C THR F 71 -16.46 -16.21 24.38
N TRP F 72 -17.75 -16.26 24.04
CA TRP F 72 -18.71 -15.30 24.58
C TRP F 72 -18.07 -13.92 24.82
N ASP F 73 -17.42 -13.42 23.78
CA ASP F 73 -16.44 -12.34 23.95
C ASP F 73 -16.84 -11.03 23.30
N LYS F 74 -17.61 -11.10 22.23
CA LYS F 74 -17.88 -9.91 21.46
C LYS F 74 -19.34 -9.75 21.19
N ASN F 75 -19.78 -8.50 21.19
CA ASN F 75 -21.16 -8.17 20.93
C ASN F 75 -21.39 -7.61 19.52
N VAL F 76 -22.64 -7.64 19.10
CA VAL F 76 -23.08 -7.21 17.78
C VAL F 76 -22.50 -5.86 17.37
N LYS F 77 -22.48 -4.89 18.29
CA LYS F 77 -21.90 -3.57 18.05
C LYS F 77 -20.43 -3.68 17.73
N ASP F 78 -19.67 -4.34 18.61
CA ASP F 78 -18.25 -4.65 18.39
C ASP F 78 -17.97 -5.06 16.96
N LEU F 79 -18.66 -6.10 16.51
CA LEU F 79 -18.38 -6.70 15.22
C LEU F 79 -19.11 -6.00 14.08
N ASN F 80 -19.69 -4.83 14.35
CA ASN F 80 -20.51 -4.12 13.37
C ASN F 80 -21.47 -5.02 12.58
N TYR F 81 -22.16 -5.90 13.30
CA TYR F 81 -23.16 -6.79 12.73
C TYR F 81 -24.53 -6.12 12.72
N GLU F 82 -25.53 -6.84 12.21
CA GLU F 82 -26.86 -6.30 12.01
C GLU F 82 -27.89 -6.94 12.95
N LEU F 83 -28.93 -6.17 13.27
CA LEU F 83 -30.03 -6.69 14.06
C LEU F 83 -31.33 -6.63 13.25
N LEU F 84 -32.00 -7.79 13.15
CA LEU F 84 -33.32 -7.86 12.52
C LEU F 84 -34.39 -8.11 13.57
N ILE F 85 -35.25 -7.12 13.76
CA ILE F 85 -36.25 -7.16 14.83
C ILE F 85 -37.63 -7.48 14.28
N VAL F 86 -38.27 -8.47 14.89
CA VAL F 86 -39.56 -8.95 14.46
C VAL F 86 -40.45 -9.00 15.69
N SER F 87 -41.66 -8.44 15.56
CA SER F 87 -42.65 -8.50 16.61
C SER F 87 -43.22 -9.90 16.70
N GLN F 88 -43.15 -10.50 17.88
CA GLN F 88 -43.65 -11.85 18.09
C GLN F 88 -44.61 -11.90 19.29
N PHE F 89 -45.89 -11.66 19.06
CA PHE F 89 -46.86 -11.53 20.17
C PHE F 89 -47.07 -12.85 20.92
N THR F 90 -46.66 -13.95 20.28
CA THR F 90 -46.85 -15.30 20.78
C THR F 90 -45.87 -15.69 21.89
N LEU F 91 -45.00 -14.75 22.28
CA LEU F 91 -44.10 -15.00 23.40
C LEU F 91 -44.87 -14.86 24.71
N PHE F 92 -46.08 -14.34 24.61
CA PHE F 92 -47.04 -14.33 25.70
C PHE F 92 -48.15 -15.29 25.32
N GLY F 93 -47.75 -16.42 24.76
CA GLY F 93 -48.69 -17.45 24.40
C GLY F 93 -48.83 -18.40 25.57
N ASN F 94 -49.42 -17.90 26.65
CA ASN F 94 -49.75 -18.71 27.82
C ASN F 94 -50.35 -20.05 27.40
N THR F 95 -49.70 -21.12 27.82
CA THR F 95 -50.18 -22.48 27.62
C THR F 95 -50.07 -23.25 28.94
N LYS F 96 -49.76 -22.49 30.00
CA LYS F 96 -49.81 -22.98 31.38
C LYS F 96 -51.11 -23.73 31.60
N LYS F 97 -52.18 -23.24 30.95
CA LYS F 97 -53.54 -23.77 31.08
C LYS F 97 -54.25 -23.91 29.72
N GLY F 98 -54.27 -25.14 29.19
CA GLY F 98 -54.85 -25.45 27.87
C GLY F 98 -53.88 -25.32 26.70
N ASN F 99 -54.09 -26.14 25.66
CA ASN F 99 -53.20 -26.14 24.47
C ASN F 99 -53.40 -24.98 23.49
N LYS F 100 -54.63 -24.47 23.38
CA LYS F 100 -54.90 -23.22 22.67
C LYS F 100 -54.26 -22.07 23.46
N PRO F 101 -53.32 -21.33 22.84
CA PRO F 101 -52.59 -20.31 23.60
C PRO F 101 -53.32 -18.97 23.62
N ASP F 102 -53.86 -18.61 24.77
CA ASP F 102 -54.49 -17.31 24.92
C ASP F 102 -53.37 -16.30 25.09
N PHE F 103 -53.46 -15.20 24.37
CA PHE F 103 -52.43 -14.19 24.42
C PHE F 103 -52.94 -12.98 25.19
N HIS F 104 -53.68 -13.23 26.27
CA HIS F 104 -54.27 -12.15 27.07
C HIS F 104 -53.24 -11.11 27.48
N LEU F 105 -52.10 -11.58 28.00
CA LEU F 105 -51.06 -10.72 28.57
C LEU F 105 -50.38 -9.73 27.58
N ALA F 106 -50.59 -9.96 26.27
CA ALA F 106 -50.00 -9.11 25.22
C ALA F 106 -50.61 -7.70 25.16
N LYS F 107 -49.95 -6.80 24.44
CA LYS F 107 -50.42 -5.43 24.23
C LYS F 107 -51.29 -5.41 23.00
N GLU F 108 -52.23 -4.46 22.95
CA GLU F 108 -53.21 -4.39 21.85
C GLU F 108 -52.54 -3.93 20.54
N PRO F 109 -52.56 -4.79 19.50
CA PRO F 109 -51.88 -4.57 18.22
C PRO F 109 -51.68 -3.10 17.79
N ASN F 110 -52.73 -2.29 17.80
CA ASN F 110 -52.60 -0.88 17.37
C ASN F 110 -51.72 -0.06 18.32
N GLU F 111 -51.78 -0.37 19.61
CA GLU F 111 -50.92 0.23 20.63
C GLU F 111 -49.48 -0.28 20.54
N ALA F 112 -49.34 -1.61 20.61
CA ALA F 112 -48.04 -2.30 20.52
C ALA F 112 -47.22 -1.78 19.33
N LEU F 113 -47.92 -1.53 18.22
CA LEU F 113 -47.31 -1.01 17.00
C LEU F 113 -46.56 0.28 17.28
N ILE F 114 -47.24 1.25 17.91
CA ILE F 114 -46.59 2.53 18.16
C ILE F 114 -45.49 2.39 19.22
N PHE F 115 -45.61 1.39 20.09
CA PHE F 115 -44.57 1.11 21.07
C PHE F 115 -43.31 0.60 20.36
N TYR F 116 -43.52 -0.37 19.48
CA TYR F 116 -42.49 -1.03 18.70
C TYR F 116 -41.63 -0.06 17.88
N ASN F 117 -42.24 1.02 17.40
CA ASN F 117 -41.50 2.03 16.60
C ASN F 117 -40.58 2.97 17.39
N LYS F 118 -40.88 3.19 18.66
CA LYS F 118 -39.94 3.88 19.57
C LYS F 118 -38.77 2.95 19.90
N ILE F 119 -39.09 1.67 20.08
CA ILE F 119 -38.10 0.63 20.32
C ILE F 119 -37.11 0.58 19.16
N ILE F 120 -37.65 0.59 17.94
CA ILE F 120 -36.82 0.63 16.74
C ILE F 120 -36.08 1.97 16.60
N ASP F 121 -36.56 3.01 17.28
CA ASP F 121 -35.89 4.30 17.27
C ASP F 121 -34.68 4.30 18.15
N GLU F 122 -34.80 3.63 19.28
CA GLU F 122 -33.77 3.62 20.29
C GLU F 122 -32.65 2.70 19.87
N PHE F 123 -32.96 1.70 19.05
CA PHE F 123 -31.93 0.86 18.47
C PHE F 123 -31.08 1.73 17.55
N LYS F 124 -31.69 2.20 16.48
CA LYS F 124 -31.03 3.14 15.56
C LYS F 124 -30.20 4.17 16.29
N LYS F 125 -30.80 4.82 17.29
CA LYS F 125 -30.08 5.77 18.14
C LYS F 125 -28.86 5.18 18.91
N GLN F 126 -29.05 4.14 19.71
CA GLN F 126 -27.95 3.60 20.54
C GLN F 126 -26.88 2.85 19.73
N TYR F 127 -27.28 2.29 18.60
CA TYR F 127 -26.34 1.68 17.71
C TYR F 127 -26.28 2.64 16.52
N ASN F 128 -26.74 2.19 15.36
CA ASN F 128 -26.71 3.02 14.19
C ASN F 128 -27.92 2.83 13.27
N ASP F 129 -28.42 3.96 12.77
CA ASP F 129 -29.54 4.03 11.82
C ASP F 129 -29.50 2.99 10.68
N ASP F 130 -28.29 2.51 10.35
CA ASP F 130 -28.05 1.67 9.18
C ASP F 130 -28.19 0.19 9.49
N LYS F 131 -27.81 -0.21 10.69
CA LYS F 131 -27.68 -1.63 11.04
C LYS F 131 -28.95 -2.33 11.52
N ILE F 132 -30.05 -1.59 11.63
CA ILE F 132 -31.30 -2.13 12.15
C ILE F 132 -32.34 -2.35 11.06
N LYS F 133 -32.64 -3.61 10.78
CA LYS F 133 -33.68 -3.96 9.83
C LYS F 133 -34.89 -4.50 10.57
N ILE F 134 -36.08 -4.21 10.04
CA ILE F 134 -37.33 -4.61 10.68
C ILE F 134 -38.16 -5.52 9.78
N GLY F 135 -39.29 -5.97 10.33
CA GLY F 135 -40.28 -6.69 9.56
C GLY F 135 -41.53 -5.85 9.49
N LYS F 136 -42.47 -6.26 8.64
CA LYS F 136 -43.73 -5.55 8.50
C LYS F 136 -44.69 -5.95 9.62
N PHE F 137 -44.72 -5.14 10.66
CA PHE F 137 -45.61 -5.35 11.80
C PHE F 137 -47.05 -5.62 11.36
N GLY F 138 -47.70 -6.52 12.08
CA GLY F 138 -49.10 -6.85 11.79
C GLY F 138 -49.27 -7.93 10.73
N ASN F 139 -48.38 -7.93 9.74
CA ASN F 139 -48.48 -8.82 8.58
C ASN F 139 -47.86 -10.20 8.77
N TYR F 140 -48.40 -11.18 8.05
CA TYR F 140 -47.83 -12.50 8.01
C TYR F 140 -46.54 -12.49 7.20
N MET F 141 -45.45 -12.86 7.88
CA MET F 141 -44.09 -12.83 7.33
C MET F 141 -43.54 -14.23 7.09
N ASN F 142 -42.67 -14.36 6.09
CA ASN F 142 -41.96 -15.61 5.82
C ASN F 142 -40.45 -15.43 5.94
N ILE F 143 -39.89 -15.83 7.07
CA ILE F 143 -38.50 -15.49 7.38
C ILE F 143 -37.51 -16.66 7.33
N ASP F 144 -36.59 -16.58 6.37
CA ASP F 144 -35.48 -17.51 6.24
C ASP F 144 -34.31 -17.14 7.16
N VAL F 145 -33.80 -18.13 7.89
CA VAL F 145 -32.81 -17.89 8.92
C VAL F 145 -31.72 -18.94 8.83
N THR F 146 -30.51 -18.48 8.52
CA THR F 146 -29.37 -19.35 8.67
C THR F 146 -28.90 -19.16 10.11
N ASN F 147 -29.26 -20.13 10.95
CA ASN F 147 -28.82 -20.10 12.34
C ASN F 147 -27.34 -20.48 12.51
N ASP F 148 -26.66 -19.69 13.33
CA ASP F 148 -25.23 -19.79 13.58
C ASP F 148 -25.00 -20.45 14.95
N GLY F 149 -25.22 -21.76 15.04
CA GLY F 149 -24.92 -22.51 16.28
C GLY F 149 -25.79 -23.72 16.60
N PRO F 150 -27.11 -23.50 16.80
CA PRO F 150 -27.67 -22.17 16.88
C PRO F 150 -27.38 -21.59 18.25
N VAL F 151 -27.61 -20.30 18.39
CA VAL F 151 -27.54 -19.66 19.67
C VAL F 151 -28.85 -18.98 19.90
N THR F 152 -29.48 -19.35 21.00
CA THR F 152 -30.77 -18.80 21.39
C THR F 152 -30.70 -18.30 22.83
N ILE F 153 -31.01 -17.03 22.99
CA ILE F 153 -31.03 -16.42 24.30
C ILE F 153 -32.45 -15.97 24.58
N TYR F 154 -32.89 -16.26 25.80
CA TYR F 154 -34.21 -15.83 26.26
C TYR F 154 -34.02 -14.81 27.37
N ILE F 155 -34.74 -13.72 27.27
CA ILE F 155 -34.73 -12.70 28.31
C ILE F 155 -36.18 -12.32 28.54
N ASP F 156 -36.59 -12.32 29.80
CA ASP F 156 -37.88 -11.76 30.20
C ASP F 156 -37.65 -10.64 31.23
N THR F 157 -37.92 -9.40 30.82
CA THR F 157 -37.69 -8.25 31.69
C THR F 157 -38.44 -8.30 33.00
N HIS F 158 -39.36 -9.26 33.17
CA HIS F 158 -40.18 -9.30 34.38
C HIS F 158 -39.59 -10.15 35.52
N ASP F 159 -38.40 -10.71 35.32
CA ASP F 159 -37.72 -11.52 36.35
C ASP F 159 -36.65 -10.74 37.11
N DHI G . 51.95 8.61 -19.60
CA DHI G . 51.67 8.68 -21.06
C DHI G . 50.23 8.31 -21.32
O DHI G . 49.67 7.49 -20.59
CB DHI G . 52.01 10.10 -21.53
CG DHI G . 52.52 10.15 -22.97
ND1 DHI G . 52.29 9.27 -23.95
CD2 DHI G . 53.31 11.17 -23.50
CE1 DHI G . 52.92 9.70 -25.07
NE2 DHI G . 53.54 10.87 -24.80
OXT DHI G . 49.57 8.79 -22.25
N DHI H . 19.62 24.75 -9.19
CA DHI H . 20.03 26.03 -8.55
C DHI H . 19.17 26.28 -7.34
O DHI H . 18.42 27.26 -7.29
CB DHI H . 21.52 26.04 -8.21
CG DHI H . 22.16 27.41 -8.44
ND1 DHI H . 21.54 28.59 -8.53
CD2 DHI H . 23.51 27.65 -8.58
CE1 DHI H . 22.46 29.56 -8.72
NE2 DHI H . 23.69 28.98 -8.76
OXT DHI H . 19.17 25.50 -6.38
#